data_6WI3
#
_entry.id   6WI3
#
_cell.length_a   92.162
_cell.length_b   97.593
_cell.length_c   139.070
_cell.angle_alpha   90.000
_cell.angle_beta   90.000
_cell.angle_gamma   90.000
#
_symmetry.space_group_name_H-M   'P 21 21 21'
#
loop_
_entity.id
_entity.type
_entity.pdbx_description
1 polymer 'Histone deacetylase 2'
2 polymer '(SHA)W(DTH)DN(DSN)(DME)(DAS)K peptide macrocycle'
3 non-polymer 'ZINC ION'
4 non-polymer 'SODIUM ION'
5 non-polymer '2-[N-CYCLOHEXYLAMINO]ETHANE SULFONIC ACID'
6 non-polymer 'TRIETHYLENE GLYCOL'
7 non-polymer 'TETRAETHYLENE GLYCOL'
8 water water
#
loop_
_entity_poly.entity_id
_entity_poly.type
_entity_poly.pdbx_seq_one_letter_code
_entity_poly.pdbx_strand_id
1 'polypeptide(L)'
;AAYSQGGGKKKVCYYYDGDIGNYYYGQGHPMKPHRIRMTHNLLLNYGLYRKMEIYRPHKATAEEMTKYHSDEYIKFLRSI
RPDNMSEYSKQMQRFNVGEDCPVFDGLFEFCQLSTGGSVAGAVKLNRQQTDMAVNWAGGLHHAKKSEASGFCYVNDIVLA
ILELLKYHQRVLYIDIDIHHGDGVEEAFYTTDRVMTVSFHKYGEYFPGTGDLRDIGAGKGKYYAVNFPMRDGIDDESYGQ
IFKPIISKVMEMYQPSAVVLQCGADSLSGDRLGCFNLTVKGHAKCVEVVKTFNLPLLMLGGGGYTIRNVARCWTYETAVA
LDCEIPNELPYNDYFEYFGPDFKLHISPSNMTNQNTPEYMEKIKQRLFENLRMLPHAPGVQMQAI
;
A,B,C
2 'polypeptide(L)' (U2M)W(DTH)DN(DSN)(MED)(DAS)K F,G,H
#
loop_
_chem_comp.id
_chem_comp.type
_chem_comp.name
_chem_comp.formula
NA non-polymer 'SODIUM ION' 'Na 1'
NHE non-polymer '2-[N-CYCLOHEXYLAMINO]ETHANE SULFONIC ACID' 'C8 H17 N O3 S'
PG4 non-polymer 'TETRAETHYLENE GLYCOL' 'C8 H18 O5'
PGE non-polymer 'TRIETHYLENE GLYCOL' 'C6 H14 O4'
ZN non-polymer 'ZINC ION' 'Zn 2'
#
# COMPACT_ATOMS: atom_id res chain seq x y z
N SER A 4 -25.30 -28.18 19.15
CA SER A 4 -24.28 -27.16 19.38
C SER A 4 -24.45 -25.98 18.43
N GLN A 5 -24.14 -24.78 18.91
CA GLN A 5 -24.28 -23.57 18.10
C GLN A 5 -23.08 -22.63 18.18
N GLY A 6 -22.12 -22.87 19.07
CA GLY A 6 -20.97 -21.99 19.18
C GLY A 6 -21.18 -20.87 20.19
N GLY A 7 -21.26 -21.24 21.46
CA GLY A 7 -21.46 -20.24 22.49
C GLY A 7 -21.29 -20.84 23.87
N GLY A 8 -21.84 -20.14 24.85
CA GLY A 8 -21.78 -20.59 26.24
C GLY A 8 -20.45 -20.31 26.90
N LYS A 9 -20.46 -20.17 28.23
CA LYS A 9 -19.23 -19.95 28.96
C LYS A 9 -18.32 -21.18 28.87
N LYS A 10 -17.03 -20.94 28.66
CA LYS A 10 -16.06 -21.99 28.47
C LYS A 10 -15.36 -22.34 29.78
N LYS A 11 -14.99 -23.61 29.92
CA LYS A 11 -14.19 -24.04 31.05
C LYS A 11 -12.73 -23.67 30.82
N VAL A 12 -12.10 -23.10 31.84
CA VAL A 12 -10.74 -22.61 31.76
C VAL A 12 -9.88 -23.33 32.78
N CYS A 13 -8.76 -23.88 32.34
CA CYS A 13 -7.74 -24.45 33.20
C CYS A 13 -6.52 -23.55 33.21
N TYR A 14 -6.06 -23.17 34.39
CA TYR A 14 -5.03 -22.16 34.58
C TYR A 14 -3.81 -22.80 35.25
N TYR A 15 -2.64 -22.58 34.66
CA TYR A 15 -1.41 -23.21 35.10
C TYR A 15 -0.46 -22.16 35.66
N TYR A 16 0.06 -22.42 36.86
CA TYR A 16 0.93 -21.46 37.55
C TYR A 16 1.72 -22.18 38.62
N ASP A 17 3.01 -21.85 38.71
CA ASP A 17 3.89 -22.35 39.75
C ASP A 17 4.39 -21.16 40.55
N GLY A 18 4.17 -21.20 41.87
CA GLY A 18 4.55 -20.11 42.75
C GLY A 18 6.02 -19.76 42.74
N ASP A 19 6.88 -20.65 42.24
CA ASP A 19 8.31 -20.39 42.17
C ASP A 19 8.74 -19.67 40.90
N ILE A 20 7.81 -19.40 39.98
CA ILE A 20 8.19 -18.83 38.68
C ILE A 20 8.67 -17.39 38.85
N GLY A 21 8.19 -16.69 39.87
CA GLY A 21 8.55 -15.29 40.06
C GLY A 21 9.89 -15.05 40.71
N ASN A 22 10.60 -16.10 41.10
CA ASN A 22 11.89 -15.97 41.76
C ASN A 22 13.07 -16.08 40.80
N TYR A 23 12.85 -16.54 39.57
CA TYR A 23 13.93 -16.64 38.61
C TYR A 23 14.30 -15.24 38.10
N TYR A 24 15.59 -14.94 38.09
CA TYR A 24 16.09 -13.59 37.82
C TYR A 24 17.07 -13.65 36.66
N TYR A 25 16.73 -12.96 35.57
CA TYR A 25 17.59 -12.94 34.39
C TYR A 25 18.89 -12.18 34.62
N GLY A 26 18.94 -11.30 35.62
CA GLY A 26 20.12 -10.50 35.86
C GLY A 26 19.80 -9.02 35.93
N GLN A 27 20.73 -8.22 36.44
CA GLN A 27 20.49 -6.79 36.62
C GLN A 27 20.32 -6.12 35.26
N GLY A 28 19.25 -5.33 35.13
CA GLY A 28 18.99 -4.57 33.92
C GLY A 28 18.29 -5.33 32.81
N HIS A 29 18.22 -6.65 32.89
CA HIS A 29 17.59 -7.42 31.83
C HIS A 29 16.08 -7.18 31.82
N PRO A 30 15.48 -6.87 30.67
CA PRO A 30 14.06 -6.50 30.68
C PRO A 30 13.12 -7.65 30.97
N MET A 31 13.49 -8.88 30.66
CA MET A 31 12.63 -10.04 30.94
C MET A 31 12.58 -10.27 32.44
N LYS A 32 11.42 -10.06 33.03
CA LYS A 32 11.23 -10.20 34.47
C LYS A 32 10.17 -11.26 34.75
N PRO A 33 10.56 -12.51 35.04
CA PRO A 33 9.55 -13.52 35.39
C PRO A 33 8.68 -13.15 36.58
N HIS A 34 9.04 -12.10 37.33
CA HIS A 34 8.21 -11.60 38.40
C HIS A 34 6.85 -11.11 37.89
N ARG A 35 6.75 -10.76 36.62
CA ARG A 35 5.49 -10.28 36.06
C ARG A 35 4.42 -11.37 36.10
N ILE A 36 4.82 -12.64 36.04
CA ILE A 36 3.85 -13.73 36.11
C ILE A 36 3.27 -13.84 37.51
N ARG A 37 4.09 -13.58 38.53
CA ARG A 37 3.60 -13.59 39.90
C ARG A 37 2.68 -12.40 40.16
N MET A 38 2.99 -11.25 39.57
CA MET A 38 2.09 -10.09 39.68
C MET A 38 0.75 -10.39 39.03
N THR A 39 0.78 -10.99 37.84
CA THR A 39 -0.46 -11.34 37.15
C THR A 39 -1.31 -12.29 37.99
N HIS A 40 -0.67 -13.33 38.54
CA HIS A 40 -1.39 -14.31 39.35
C HIS A 40 -2.00 -13.65 40.59
N ASN A 41 -1.19 -12.87 41.31
CA ASN A 41 -1.68 -12.24 42.53
C ASN A 41 -2.78 -11.21 42.25
N LEU A 42 -2.77 -10.62 41.05
CA LEU A 42 -3.79 -9.62 40.73
C LEU A 42 -5.14 -10.28 40.45
N LEU A 43 -5.14 -11.35 39.66
CA LEU A 43 -6.40 -12.03 39.35
C LEU A 43 -6.94 -12.80 40.55
N LEU A 44 -6.10 -13.17 41.51
CA LEU A 44 -6.60 -13.77 42.74
C LEU A 44 -7.39 -12.75 43.56
N ASN A 45 -6.86 -11.53 43.68
CA ASN A 45 -7.58 -10.49 44.42
C ASN A 45 -8.82 -10.02 43.68
N TYR A 46 -8.89 -10.23 42.36
CA TYR A 46 -10.15 -10.02 41.64
C TYR A 46 -11.17 -11.11 41.90
N GLY A 47 -10.75 -12.23 42.48
CA GLY A 47 -11.64 -13.34 42.72
C GLY A 47 -11.82 -14.29 41.55
N LEU A 48 -10.97 -14.20 40.54
CA LEU A 48 -11.11 -15.04 39.35
C LEU A 48 -10.77 -16.50 39.60
N TYR A 49 -10.21 -16.83 40.77
CA TYR A 49 -9.92 -18.23 41.07
C TYR A 49 -11.18 -19.05 41.27
N ARG A 50 -12.31 -18.41 41.55
CA ARG A 50 -13.56 -19.11 41.76
C ARG A 50 -14.20 -19.60 40.46
N LYS A 51 -13.76 -19.07 39.32
CA LYS A 51 -14.39 -19.38 38.04
C LYS A 51 -13.55 -20.31 37.16
N MET A 52 -12.34 -20.67 37.58
CA MET A 52 -11.47 -21.51 36.77
C MET A 52 -10.71 -22.46 37.68
N GLU A 53 -10.28 -23.59 37.10
CA GLU A 53 -9.47 -24.56 37.82
C GLU A 53 -8.00 -24.18 37.71
N ILE A 54 -7.34 -24.10 38.86
CA ILE A 54 -5.93 -23.68 38.92
C ILE A 54 -5.08 -24.92 39.15
N TYR A 55 -4.19 -25.21 38.19
CA TYR A 55 -3.28 -26.34 38.27
C TYR A 55 -1.85 -25.84 38.43
N ARG A 56 -1.02 -26.66 39.07
CA ARG A 56 0.40 -26.40 39.15
C ARG A 56 1.12 -27.28 38.15
N PRO A 57 1.83 -26.72 37.17
CA PRO A 57 2.40 -27.57 36.11
C PRO A 57 3.57 -28.39 36.62
N HIS A 58 3.75 -29.55 36.00
CA HIS A 58 4.92 -30.36 36.26
C HIS A 58 6.15 -29.74 35.60
N LYS A 59 7.32 -30.23 35.98
CA LYS A 59 8.57 -29.83 35.35
C LYS A 59 8.81 -30.74 34.14
N ALA A 60 8.71 -30.16 32.94
CA ALA A 60 8.91 -30.94 31.72
C ALA A 60 10.33 -31.50 31.68
N THR A 61 10.44 -32.80 31.42
CA THR A 61 11.72 -33.46 31.41
C THR A 61 12.50 -33.12 30.14
N ALA A 62 13.77 -33.50 30.12
CA ALA A 62 14.57 -33.34 28.92
C ALA A 62 14.04 -34.19 27.76
N GLU A 63 13.39 -35.31 28.09
CA GLU A 63 12.81 -36.15 27.06
C GLU A 63 11.65 -35.44 26.35
N GLU A 64 10.80 -34.76 27.12
CA GLU A 64 9.68 -34.03 26.52
C GLU A 64 10.19 -32.87 25.66
N MET A 65 11.32 -32.26 26.04
CA MET A 65 11.85 -31.15 25.26
C MET A 65 12.50 -31.64 23.96
N THR A 66 13.07 -32.83 23.96
CA THR A 66 13.71 -33.37 22.77
C THR A 66 12.73 -33.85 21.72
N LYS A 67 11.42 -33.68 21.95
CA LYS A 67 10.45 -33.89 20.88
C LYS A 67 10.59 -32.86 19.77
N TYR A 68 11.38 -31.80 20.00
CA TYR A 68 11.68 -30.81 18.98
C TYR A 68 13.15 -30.41 19.04
N HIS A 69 13.64 -30.09 20.23
CA HIS A 69 15.01 -29.63 20.39
C HIS A 69 15.99 -30.79 20.32
N SER A 70 17.21 -30.48 19.90
CA SER A 70 18.24 -31.50 19.77
C SER A 70 18.74 -31.94 21.15
N ASP A 71 19.27 -33.17 21.21
CA ASP A 71 19.81 -33.67 22.46
C ASP A 71 20.98 -32.82 22.94
N GLU A 72 21.84 -32.39 22.01
CA GLU A 72 23.02 -31.62 22.39
C GLU A 72 22.63 -30.27 22.99
N TYR A 73 21.55 -29.67 22.50
CA TYR A 73 21.14 -28.37 23.01
C TYR A 73 20.46 -28.47 24.37
N ILE A 74 19.65 -29.51 24.58
CA ILE A 74 18.97 -29.67 25.86
C ILE A 74 19.96 -30.06 26.95
N LYS A 75 20.88 -30.97 26.64
CA LYS A 75 21.90 -31.37 27.61
C LYS A 75 22.75 -30.18 28.04
N PHE A 76 22.98 -29.23 27.13
CA PHE A 76 23.70 -28.02 27.50
C PHE A 76 22.89 -27.18 28.49
N LEU A 77 21.57 -27.11 28.30
CA LEU A 77 20.73 -26.33 29.20
C LEU A 77 20.69 -26.93 30.60
N ARG A 78 20.79 -28.26 30.71
CA ARG A 78 20.80 -28.89 32.03
C ARG A 78 22.13 -28.67 32.73
N SER A 79 23.20 -28.45 31.97
CA SER A 79 24.56 -28.41 32.51
C SER A 79 25.04 -26.99 32.81
N ILE A 80 24.68 -26.02 31.98
CA ILE A 80 25.24 -24.68 32.10
C ILE A 80 24.73 -24.01 33.37
N ARG A 81 25.63 -23.39 34.11
CA ARG A 81 25.34 -22.69 35.35
C ARG A 81 26.27 -21.49 35.44
N PRO A 82 25.93 -20.50 36.27
CA PRO A 82 26.81 -19.34 36.43
C PRO A 82 28.20 -19.67 36.97
N ASP A 83 28.38 -20.82 37.61
CA ASP A 83 29.66 -21.17 38.21
C ASP A 83 30.57 -21.98 37.27
N ASN A 84 30.06 -22.43 36.13
CA ASN A 84 30.88 -23.20 35.20
C ASN A 84 30.77 -22.66 33.78
N MET A 85 30.55 -21.34 33.64
CA MET A 85 30.44 -20.76 32.30
C MET A 85 31.76 -20.79 31.55
N SER A 86 32.88 -20.75 32.27
CA SER A 86 34.19 -20.72 31.60
C SER A 86 34.44 -22.01 30.81
N GLU A 87 33.96 -23.15 31.32
CA GLU A 87 34.18 -24.41 30.63
C GLU A 87 33.31 -24.53 29.38
N TYR A 88 32.17 -23.84 29.35
CA TYR A 88 31.23 -23.94 28.23
C TYR A 88 31.23 -22.69 27.36
N SER A 89 32.33 -21.91 27.37
CA SER A 89 32.35 -20.67 26.61
C SER A 89 32.18 -20.91 25.11
N LYS A 90 32.68 -22.05 24.60
CA LYS A 90 32.45 -22.38 23.21
C LYS A 90 31.00 -22.80 22.97
N GLN A 91 30.45 -23.63 23.86
CA GLN A 91 29.08 -24.10 23.69
C GLN A 91 28.08 -22.96 23.88
N MET A 92 28.42 -21.95 24.70
CA MET A 92 27.53 -20.82 24.89
C MET A 92 27.33 -20.05 23.59
N GLN A 93 28.40 -19.88 22.80
CA GLN A 93 28.28 -19.19 21.53
C GLN A 93 27.56 -20.05 20.50
N ARG A 94 27.79 -21.36 20.53
CA ARG A 94 27.13 -22.25 19.58
C ARG A 94 25.63 -22.25 19.77
N PHE A 95 25.17 -22.19 21.02
CA PHE A 95 23.75 -22.24 21.36
C PHE A 95 23.16 -20.85 21.62
N ASN A 96 23.90 -19.79 21.31
CA ASN A 96 23.44 -18.41 21.44
C ASN A 96 22.98 -18.11 22.87
N VAL A 97 23.86 -18.41 23.83
CA VAL A 97 23.58 -18.18 25.24
C VAL A 97 24.73 -17.36 25.82
N GLY A 98 24.40 -16.33 26.59
CA GLY A 98 25.42 -15.54 27.25
C GLY A 98 25.16 -14.05 27.27
N GLU A 99 24.43 -13.54 26.28
CA GLU A 99 24.17 -12.11 26.21
C GLU A 99 22.68 -11.82 26.22
N ASP A 100 22.03 -11.96 25.06
CA ASP A 100 20.59 -11.74 24.99
C ASP A 100 19.83 -12.76 25.81
N CYS A 101 20.29 -14.00 25.81
CA CYS A 101 19.72 -15.06 26.62
C CYS A 101 20.76 -15.50 27.66
N PRO A 102 20.85 -14.81 28.79
CA PRO A 102 21.97 -15.05 29.71
C PRO A 102 21.78 -16.35 30.49
N VAL A 103 22.85 -16.73 31.18
CA VAL A 103 22.84 -17.85 32.12
C VAL A 103 22.51 -17.30 33.50
N PHE A 104 21.54 -17.92 34.17
CA PHE A 104 21.18 -17.52 35.52
C PHE A 104 20.83 -18.76 36.33
N ASP A 105 20.74 -18.58 37.65
CA ASP A 105 20.45 -19.69 38.55
C ASP A 105 19.04 -20.24 38.28
N GLY A 106 18.97 -21.56 38.11
CA GLY A 106 17.70 -22.20 37.82
C GLY A 106 17.21 -22.00 36.41
N LEU A 107 18.12 -21.79 35.45
CA LEU A 107 17.72 -21.53 34.07
C LEU A 107 16.91 -22.70 33.50
N PHE A 108 17.40 -23.93 33.70
CA PHE A 108 16.69 -25.09 33.16
C PHE A 108 15.36 -25.31 33.86
N GLU A 109 15.31 -25.08 35.17
CA GLU A 109 14.05 -25.22 35.90
C GLU A 109 13.00 -24.23 35.40
N PHE A 110 13.43 -23.00 35.11
CA PHE A 110 12.51 -22.02 34.53
C PHE A 110 11.97 -22.50 33.19
N CYS A 111 12.82 -23.15 32.40
CA CYS A 111 12.36 -23.71 31.14
C CYS A 111 11.41 -24.88 31.37
N GLN A 112 11.64 -25.67 32.42
CA GLN A 112 10.76 -26.78 32.73
C GLN A 112 9.38 -26.29 33.15
N LEU A 113 9.33 -25.26 34.00
CA LEU A 113 8.04 -24.75 34.46
C LEU A 113 7.28 -24.06 33.33
N SER A 114 7.99 -23.29 32.50
CA SER A 114 7.34 -22.64 31.37
C SER A 114 6.82 -23.65 30.36
N THR A 115 7.63 -24.68 30.06
CA THR A 115 7.22 -25.70 29.11
C THR A 115 6.15 -26.61 29.71
N GLY A 116 6.29 -26.95 30.99
CA GLY A 116 5.34 -27.87 31.62
C GLY A 116 3.92 -27.35 31.58
N GLY A 117 3.73 -26.05 31.79
CA GLY A 117 2.39 -25.49 31.73
C GLY A 117 1.77 -25.54 30.35
N SER A 118 2.60 -25.43 29.30
CA SER A 118 2.08 -25.44 27.94
C SER A 118 1.72 -26.86 27.50
N VAL A 119 2.60 -27.83 27.76
CA VAL A 119 2.33 -29.19 27.33
C VAL A 119 1.20 -29.80 28.15
N ALA A 120 1.10 -29.44 29.43
CA ALA A 120 0.00 -29.93 30.25
C ALA A 120 -1.33 -29.35 29.80
N GLY A 121 -1.32 -28.10 29.34
CA GLY A 121 -2.54 -27.51 28.79
C GLY A 121 -2.96 -28.19 27.50
N ALA A 122 -1.99 -28.54 26.65
CA ALA A 122 -2.31 -29.25 25.41
C ALA A 122 -2.85 -30.64 25.69
N VAL A 123 -2.31 -31.32 26.71
CA VAL A 123 -2.85 -32.62 27.10
C VAL A 123 -4.27 -32.46 27.62
N LYS A 124 -4.52 -31.45 28.45
CA LYS A 124 -5.85 -31.21 28.98
C LYS A 124 -6.84 -30.90 27.86
N LEU A 125 -6.37 -30.30 26.77
CA LEU A 125 -7.23 -30.02 25.63
C LEU A 125 -7.43 -31.27 24.78
N ASN A 126 -6.38 -32.08 24.61
CA ASN A 126 -6.51 -33.32 23.85
C ASN A 126 -7.51 -34.27 24.50
N ARG A 127 -7.44 -34.39 25.82
CA ARG A 127 -8.38 -35.25 26.55
C ARG A 127 -9.77 -34.65 26.66
N GLN A 128 -9.98 -33.45 26.11
CA GLN A 128 -11.29 -32.79 26.12
C GLN A 128 -11.79 -32.57 27.54
N GLN A 129 -10.87 -32.24 28.45
CA GLN A 129 -11.22 -31.96 29.84
C GLN A 129 -11.31 -30.46 30.12
N THR A 130 -11.14 -29.62 29.10
CA THR A 130 -11.28 -28.18 29.26
C THR A 130 -11.53 -27.56 27.89
N ASP A 131 -12.09 -26.36 27.91
CA ASP A 131 -12.27 -25.60 26.67
C ASP A 131 -11.08 -24.70 26.39
N MET A 132 -10.47 -24.14 27.43
CA MET A 132 -9.31 -23.28 27.29
C MET A 132 -8.29 -23.61 28.37
N ALA A 133 -7.01 -23.47 28.02
CA ALA A 133 -5.91 -23.67 28.95
C ALA A 133 -5.02 -22.43 28.90
N VAL A 134 -4.65 -21.92 30.07
CA VAL A 134 -3.93 -20.67 30.20
C VAL A 134 -2.60 -20.94 30.89
N ASN A 135 -1.51 -20.50 30.26
CA ASN A 135 -0.15 -20.60 30.83
C ASN A 135 0.59 -19.31 30.49
N TRP A 136 0.51 -18.34 31.39
CA TRP A 136 1.16 -17.05 31.14
C TRP A 136 2.68 -17.15 31.20
N ALA A 137 3.23 -18.23 31.74
CA ALA A 137 4.67 -18.44 31.75
C ALA A 137 5.18 -18.96 30.40
N GLY A 138 4.29 -19.36 29.50
CA GLY A 138 4.68 -19.84 28.20
C GLY A 138 4.69 -18.76 27.15
N GLY A 139 4.65 -19.18 25.90
CA GLY A 139 4.70 -18.27 24.78
C GLY A 139 6.09 -17.84 24.36
N LEU A 140 7.12 -18.60 24.73
CA LEU A 140 8.51 -18.26 24.36
C LEU A 140 8.72 -18.67 22.91
N HIS A 141 8.31 -17.78 22.00
CA HIS A 141 8.17 -18.08 20.59
C HIS A 141 9.45 -17.92 19.78
N HIS A 142 10.57 -17.57 20.41
CA HIS A 142 11.80 -17.34 19.65
C HIS A 142 12.77 -18.52 19.69
N ALA A 143 12.62 -19.44 20.64
CA ALA A 143 13.58 -20.52 20.80
C ALA A 143 13.60 -21.42 19.56
N LYS A 144 14.81 -21.73 19.09
CA LYS A 144 15.01 -22.56 17.92
C LYS A 144 15.28 -24.00 18.35
N LYS A 145 15.47 -24.88 17.36
CA LYS A 145 15.69 -26.29 17.65
C LYS A 145 16.98 -26.50 18.44
N SER A 146 18.04 -25.76 18.10
CA SER A 146 19.35 -26.00 18.71
C SER A 146 20.01 -24.70 19.15
N GLU A 147 19.22 -23.67 19.49
CA GLU A 147 19.79 -22.44 19.98
C GLU A 147 18.71 -21.60 20.65
N ALA A 148 19.14 -20.75 21.58
CA ALA A 148 18.27 -19.80 22.24
C ALA A 148 18.21 -18.50 21.45
N SER A 149 17.15 -17.72 21.70
CA SER A 149 16.96 -16.46 21.00
C SER A 149 15.87 -15.67 21.72
N GLY A 150 16.00 -14.34 21.67
CA GLY A 150 14.99 -13.42 22.17
C GLY A 150 14.45 -13.76 23.55
N PHE A 151 15.35 -13.99 24.51
CA PHE A 151 15.07 -14.34 25.89
C PHE A 151 14.45 -15.73 26.03
N CYS A 152 14.27 -16.45 24.93
CA CYS A 152 13.64 -17.77 24.94
C CYS A 152 14.70 -18.85 24.79
N TYR A 153 14.58 -19.90 25.60
CA TYR A 153 15.51 -21.02 25.57
C TYR A 153 14.87 -22.30 25.06
N VAL A 154 13.71 -22.68 25.60
CA VAL A 154 12.94 -23.82 25.15
C VAL A 154 11.63 -23.29 24.57
N ASN A 155 11.29 -23.73 23.36
CA ASN A 155 10.08 -23.26 22.69
C ASN A 155 8.92 -24.11 23.16
N ASP A 156 8.23 -23.64 24.20
CA ASP A 156 7.09 -24.37 24.75
C ASP A 156 5.94 -24.44 23.77
N ILE A 157 5.82 -23.46 22.87
CA ILE A 157 4.71 -23.46 21.93
C ILE A 157 4.84 -24.63 20.97
N VAL A 158 6.04 -24.81 20.39
CA VAL A 158 6.25 -25.91 19.44
C VAL A 158 5.98 -27.25 20.10
N LEU A 159 6.41 -27.41 21.35
CA LEU A 159 6.18 -28.66 22.07
C LEU A 159 4.69 -28.85 22.37
N ALA A 160 3.99 -27.77 22.73
CA ALA A 160 2.56 -27.88 22.99
C ALA A 160 1.77 -28.14 21.72
N ILE A 161 2.20 -27.59 20.59
CA ILE A 161 1.50 -27.83 19.33
C ILE A 161 1.76 -29.25 18.85
N LEU A 162 2.99 -29.75 19.03
CA LEU A 162 3.27 -31.15 18.73
C LEU A 162 2.41 -32.08 19.56
N GLU A 163 2.06 -31.67 20.78
CA GLU A 163 1.14 -32.46 21.59
C GLU A 163 -0.27 -32.42 21.03
N LEU A 164 -0.71 -31.25 20.55
CA LEU A 164 -2.03 -31.15 19.96
C LEU A 164 -2.14 -31.92 18.65
N LEU A 165 -1.03 -32.03 17.90
CA LEU A 165 -1.04 -32.75 16.64
C LEU A 165 -1.26 -34.25 16.82
N LYS A 166 -1.21 -34.76 18.04
CA LYS A 166 -1.51 -36.17 18.27
C LYS A 166 -2.99 -36.47 18.04
N TYR A 167 -3.86 -35.49 18.30
CA TYR A 167 -5.30 -35.67 18.15
C TYR A 167 -5.96 -34.67 17.21
N HIS A 168 -5.23 -33.66 16.74
CA HIS A 168 -5.79 -32.62 15.89
C HIS A 168 -5.06 -32.62 14.56
N GLN A 169 -5.83 -32.70 13.46
CA GLN A 169 -5.23 -32.74 12.13
C GLN A 169 -4.60 -31.40 11.78
N ARG A 170 -5.28 -30.30 12.09
CA ARG A 170 -4.78 -28.97 11.77
C ARG A 170 -4.84 -28.10 13.01
N VAL A 171 -3.72 -27.43 13.32
CA VAL A 171 -3.61 -26.54 14.47
C VAL A 171 -3.26 -25.15 13.95
N LEU A 172 -3.88 -24.14 14.55
CA LEU A 172 -3.66 -22.75 14.17
C LEU A 172 -2.90 -22.04 15.28
N TYR A 173 -1.81 -21.37 14.92
CA TYR A 173 -1.02 -20.60 15.84
C TYR A 173 -1.14 -19.12 15.49
N ILE A 174 -1.56 -18.32 16.47
CA ILE A 174 -1.71 -16.87 16.31
C ILE A 174 -0.78 -16.18 17.29
N ASP A 175 -0.04 -15.19 16.80
CA ASP A 175 1.02 -14.54 17.56
C ASP A 175 0.81 -13.02 17.50
N ILE A 176 0.31 -12.44 18.59
CA ILE A 176 0.10 -11.00 18.67
C ILE A 176 1.22 -10.30 19.43
N ASP A 177 2.29 -11.00 19.76
CA ASP A 177 3.49 -10.36 20.27
C ASP A 177 4.00 -9.35 19.24
N ILE A 178 4.60 -8.26 19.73
CA ILE A 178 5.09 -7.25 18.81
C ILE A 178 6.26 -7.76 17.98
N HIS A 179 6.95 -8.79 18.44
CA HIS A 179 8.03 -9.41 17.68
C HIS A 179 7.49 -10.58 16.88
N HIS A 180 8.17 -10.86 15.77
CA HIS A 180 7.75 -11.94 14.88
C HIS A 180 8.00 -13.30 15.53
N GLY A 181 6.99 -14.17 15.48
CA GLY A 181 7.13 -15.50 16.01
C GLY A 181 7.94 -16.41 15.11
N ASP A 182 9.25 -16.14 15.02
CA ASP A 182 10.10 -16.84 14.07
C ASP A 182 10.29 -18.30 14.47
N GLY A 183 10.44 -18.57 15.78
CA GLY A 183 10.72 -19.93 16.21
C GLY A 183 9.59 -20.89 15.89
N VAL A 184 8.34 -20.47 16.13
CA VAL A 184 7.20 -21.33 15.83
C VAL A 184 7.03 -21.45 14.32
N GLU A 185 7.19 -20.34 13.60
CA GLU A 185 7.05 -20.36 12.14
C GLU A 185 8.10 -21.26 11.50
N GLU A 186 9.34 -21.19 11.97
CA GLU A 186 10.41 -22.02 11.41
C GLU A 186 10.14 -23.50 11.66
N ALA A 187 9.62 -23.84 12.84
CA ALA A 187 9.40 -25.23 13.19
C ALA A 187 8.38 -25.90 12.27
N PHE A 188 7.32 -25.17 11.90
CA PHE A 188 6.26 -25.70 11.07
C PHE A 188 6.21 -25.04 9.69
N TYR A 189 7.37 -24.62 9.19
CA TYR A 189 7.40 -23.87 7.94
C TYR A 189 7.11 -24.75 6.74
N THR A 190 7.41 -26.04 6.82
CA THR A 190 7.29 -26.95 5.68
C THR A 190 6.15 -27.95 5.85
N THR A 191 5.16 -27.64 6.68
CA THR A 191 4.01 -28.52 6.87
C THR A 191 2.73 -27.72 6.82
N ASP A 192 1.67 -28.36 6.32
CA ASP A 192 0.34 -27.76 6.28
C ASP A 192 -0.52 -28.14 7.48
N ARG A 193 0.01 -28.97 8.39
CA ARG A 193 -0.74 -29.36 9.58
C ARG A 193 -0.77 -28.26 10.63
N VAL A 194 0.13 -27.29 10.54
CA VAL A 194 0.15 -26.14 11.45
C VAL A 194 0.26 -24.88 10.60
N MET A 195 -0.67 -23.95 10.81
CA MET A 195 -0.62 -22.64 10.19
C MET A 195 -0.25 -21.61 11.23
N THR A 196 0.79 -20.83 10.95
CA THR A 196 1.28 -19.80 11.86
C THR A 196 0.90 -18.43 11.32
N VAL A 197 0.20 -17.64 12.14
CA VAL A 197 -0.20 -16.29 11.81
C VAL A 197 0.42 -15.35 12.83
N SER A 198 1.27 -14.44 12.37
CA SER A 198 1.99 -13.53 13.25
C SER A 198 1.74 -12.09 12.83
N PHE A 199 1.34 -11.27 13.79
CA PHE A 199 1.26 -9.83 13.64
C PHE A 199 2.40 -9.21 14.43
N HIS A 200 3.21 -8.39 13.77
CA HIS A 200 4.44 -7.92 14.38
C HIS A 200 4.92 -6.65 13.70
N LYS A 201 5.83 -5.96 14.37
CA LYS A 201 6.54 -4.84 13.75
C LYS A 201 7.70 -5.36 12.91
N TYR A 202 7.85 -4.80 11.71
CA TYR A 202 8.85 -5.25 10.76
C TYR A 202 9.64 -4.05 10.26
N GLY A 203 10.95 -4.20 10.18
CA GLY A 203 11.82 -3.12 9.74
C GLY A 203 12.73 -2.61 10.83
N GLU A 204 13.99 -3.04 10.81
CA GLU A 204 14.97 -2.67 11.83
C GLU A 204 14.48 -3.03 13.23
N TYR A 205 14.05 -4.29 13.38
CA TYR A 205 13.46 -4.74 14.63
C TYR A 205 13.71 -6.23 14.79
N PHE A 206 13.91 -6.64 16.04
CA PHE A 206 14.12 -8.06 16.33
C PHE A 206 12.88 -8.85 15.97
N PRO A 207 13.02 -10.07 15.41
CA PRO A 207 14.29 -10.72 15.06
C PRO A 207 14.72 -10.47 13.62
N GLY A 208 14.05 -9.56 12.93
CA GLY A 208 14.36 -9.26 11.55
C GLY A 208 13.70 -10.15 10.53
N THR A 209 12.83 -11.06 10.95
CA THR A 209 12.09 -11.93 10.06
C THR A 209 10.62 -11.56 10.08
N GLY A 210 9.82 -12.33 9.33
CA GLY A 210 8.40 -12.08 9.25
C GLY A 210 7.97 -11.19 8.11
N ASP A 211 8.67 -11.24 6.97
CA ASP A 211 8.28 -10.44 5.82
C ASP A 211 6.92 -10.90 5.29
N LEU A 212 6.24 -9.99 4.61
CA LEU A 212 4.96 -10.32 4.01
C LEU A 212 5.07 -11.47 3.02
N ARG A 213 6.20 -11.58 2.34
CA ARG A 213 6.41 -12.58 1.30
C ARG A 213 6.89 -13.92 1.84
N ASP A 214 6.91 -14.10 3.15
CA ASP A 214 7.24 -15.39 3.76
C ASP A 214 5.94 -16.13 4.02
N ILE A 215 5.64 -17.11 3.17
CA ILE A 215 4.35 -17.80 3.19
C ILE A 215 4.51 -19.30 3.44
N GLY A 216 5.72 -19.77 3.71
CA GLY A 216 5.97 -21.18 3.88
C GLY A 216 6.63 -21.78 2.65
N ALA A 217 7.06 -23.03 2.81
CA ALA A 217 7.74 -23.75 1.75
C ALA A 217 7.25 -25.20 1.72
N GLY A 218 7.47 -25.85 0.58
CA GLY A 218 7.08 -27.24 0.44
C GLY A 218 5.58 -27.42 0.59
N LYS A 219 5.19 -28.45 1.33
CA LYS A 219 3.78 -28.70 1.59
C LYS A 219 3.17 -27.62 2.49
N GLY A 220 3.99 -26.83 3.16
CA GLY A 220 3.53 -25.74 4.00
C GLY A 220 3.43 -24.40 3.31
N LYS A 221 3.56 -24.35 1.99
CA LYS A 221 3.43 -23.09 1.27
C LYS A 221 2.02 -22.56 1.38
N TYR A 222 1.90 -21.26 1.67
CA TYR A 222 0.65 -20.54 1.95
C TYR A 222 0.08 -20.90 3.32
N TYR A 223 0.82 -21.61 4.16
CA TYR A 223 0.40 -21.90 5.52
C TYR A 223 1.22 -21.13 6.56
N ALA A 224 1.87 -20.05 6.15
CA ALA A 224 2.54 -19.12 7.04
C ALA A 224 2.09 -17.72 6.68
N VAL A 225 1.48 -17.02 7.63
CA VAL A 225 0.92 -15.69 7.42
C VAL A 225 1.67 -14.71 8.29
N ASN A 226 2.11 -13.59 7.70
CA ASN A 226 2.83 -12.55 8.41
C ASN A 226 2.26 -11.19 8.03
N PHE A 227 1.91 -10.39 9.04
CA PHE A 227 1.41 -9.03 8.84
C PHE A 227 2.46 -8.06 9.36
N PRO A 228 3.33 -7.54 8.50
CA PRO A 228 4.31 -6.55 8.96
C PRO A 228 3.64 -5.21 9.26
N MET A 229 4.06 -4.59 10.36
CA MET A 229 3.47 -3.35 10.82
C MET A 229 4.55 -2.34 11.13
N ARG A 230 4.14 -1.07 11.21
CA ARG A 230 5.02 0.03 11.57
C ARG A 230 4.77 0.46 13.01
N ASP A 231 5.49 1.49 13.44
CA ASP A 231 5.38 1.97 14.81
C ASP A 231 4.04 2.63 15.07
N GLY A 232 3.57 2.50 16.31
CA GLY A 232 2.47 3.32 16.79
C GLY A 232 1.08 2.88 16.40
N ILE A 233 0.88 1.61 16.05
CA ILE A 233 -0.46 1.14 15.70
C ILE A 233 -1.34 1.17 16.94
N ASP A 234 -2.59 1.59 16.77
CA ASP A 234 -3.53 1.75 17.87
C ASP A 234 -4.59 0.64 17.81
N ASP A 235 -5.54 0.70 18.75
CA ASP A 235 -6.55 -0.34 18.86
C ASP A 235 -7.45 -0.38 17.63
N GLU A 236 -7.81 0.80 17.10
CA GLU A 236 -8.75 0.84 15.98
C GLU A 236 -8.12 0.23 14.73
N SER A 237 -6.89 0.61 14.40
CA SER A 237 -6.23 0.06 13.23
C SER A 237 -5.95 -1.43 13.40
N TYR A 238 -5.58 -1.85 14.61
CA TYR A 238 -5.31 -3.26 14.86
C TYR A 238 -6.58 -4.09 14.75
N GLY A 239 -7.69 -3.59 15.31
CA GLY A 239 -8.95 -4.31 15.24
C GLY A 239 -9.56 -4.35 13.86
N GLN A 240 -9.21 -3.40 12.99
CA GLN A 240 -9.75 -3.39 11.63
C GLN A 240 -9.23 -4.55 10.79
N ILE A 241 -8.07 -5.11 11.12
CA ILE A 241 -7.47 -6.15 10.30
C ILE A 241 -7.42 -7.50 11.01
N PHE A 242 -7.35 -7.54 12.34
CA PHE A 242 -7.21 -8.81 13.04
C PHE A 242 -8.43 -9.69 12.81
N LYS A 243 -9.61 -9.18 13.16
CA LYS A 243 -10.83 -9.98 13.01
C LYS A 243 -11.07 -10.44 11.59
N PRO A 244 -10.97 -9.60 10.54
CA PRO A 244 -11.18 -10.12 9.18
C PRO A 244 -10.16 -11.16 8.77
N ILE A 245 -8.89 -10.99 9.15
CA ILE A 245 -7.85 -11.94 8.74
C ILE A 245 -8.02 -13.25 9.49
N ILE A 246 -8.28 -13.19 10.79
CA ILE A 246 -8.51 -14.41 11.57
C ILE A 246 -9.76 -15.13 11.09
N SER A 247 -10.81 -14.38 10.76
CA SER A 247 -12.02 -14.99 10.25
C SER A 247 -11.77 -15.69 8.91
N LYS A 248 -10.98 -15.06 8.04
CA LYS A 248 -10.67 -15.67 6.75
C LYS A 248 -9.78 -16.90 6.92
N VAL A 249 -8.90 -16.89 7.92
CA VAL A 249 -8.07 -18.06 8.18
C VAL A 249 -8.93 -19.21 8.69
N MET A 250 -9.87 -18.93 9.58
CA MET A 250 -10.75 -19.98 10.10
C MET A 250 -11.60 -20.58 8.99
N GLU A 251 -12.04 -19.76 8.04
CA GLU A 251 -12.86 -20.27 6.94
C GLU A 251 -12.04 -21.15 6.02
N MET A 252 -10.86 -20.70 5.62
CA MET A 252 -10.04 -21.43 4.66
C MET A 252 -9.33 -22.62 5.31
N TYR A 253 -8.67 -22.39 6.44
CA TYR A 253 -7.84 -23.43 7.04
C TYR A 253 -8.68 -24.42 7.86
N GLN A 254 -9.70 -23.93 8.56
CA GLN A 254 -10.59 -24.73 9.38
C GLN A 254 -9.82 -25.59 10.37
N PRO A 255 -9.15 -25.00 11.34
CA PRO A 255 -8.41 -25.80 12.33
C PRO A 255 -9.33 -26.42 13.36
N SER A 256 -8.83 -27.47 14.00
CA SER A 256 -9.54 -28.10 15.11
C SER A 256 -9.00 -27.70 16.47
N ALA A 257 -7.92 -26.92 16.51
CA ALA A 257 -7.35 -26.43 17.75
C ALA A 257 -6.58 -25.16 17.45
N VAL A 258 -6.58 -24.24 18.41
CA VAL A 258 -5.96 -22.93 18.25
C VAL A 258 -5.00 -22.67 19.41
N VAL A 259 -3.83 -22.12 19.09
CA VAL A 259 -2.87 -21.65 20.09
C VAL A 259 -2.67 -20.16 19.88
N LEU A 260 -2.87 -19.37 20.93
CA LEU A 260 -2.80 -17.91 20.86
C LEU A 260 -1.72 -17.42 21.81
N GLN A 261 -0.63 -16.89 21.24
CA GLN A 261 0.44 -16.28 22.01
C GLN A 261 0.09 -14.81 22.26
N CYS A 262 -0.07 -14.44 23.52
CA CYS A 262 -0.56 -13.11 23.86
C CYS A 262 0.54 -12.22 24.43
N GLY A 263 1.64 -12.07 23.70
CA GLY A 263 2.72 -11.20 24.13
C GLY A 263 2.26 -9.78 24.40
N ALA A 264 2.52 -9.28 25.61
CA ALA A 264 2.04 -7.98 26.04
C ALA A 264 2.96 -6.84 25.62
N ASP A 265 4.09 -7.13 24.97
CA ASP A 265 5.00 -6.06 24.56
C ASP A 265 4.49 -5.28 23.36
N SER A 266 3.30 -5.60 22.86
CA SER A 266 2.63 -4.80 21.85
C SER A 266 1.72 -3.74 22.45
N LEU A 267 1.76 -3.56 23.77
CA LEU A 267 0.96 -2.55 24.44
C LEU A 267 1.67 -1.20 24.39
N SER A 268 0.88 -0.14 24.59
CA SER A 268 1.44 1.20 24.65
C SER A 268 2.34 1.35 25.87
N GLY A 269 3.47 2.02 25.67
CA GLY A 269 4.39 2.28 26.76
C GLY A 269 5.28 1.12 27.14
N ASP A 270 5.40 0.11 26.29
CA ASP A 270 6.26 -1.03 26.60
C ASP A 270 7.72 -0.61 26.55
N ARG A 271 8.53 -1.18 27.45
CA ARG A 271 9.94 -0.83 27.52
C ARG A 271 10.68 -1.16 26.23
N LEU A 272 10.27 -2.23 25.54
CA LEU A 272 10.88 -2.62 24.28
C LEU A 272 9.99 -2.42 23.08
N GLY A 273 8.66 -2.46 23.26
CA GLY A 273 7.77 -2.30 22.14
C GLY A 273 7.52 -0.84 21.78
N CYS A 274 7.03 -0.64 20.55
CA CYS A 274 6.71 0.69 20.05
C CYS A 274 5.31 0.75 19.46
N PHE A 275 4.43 -0.17 19.83
CA PHE A 275 3.04 -0.08 19.44
C PHE A 275 2.28 0.82 20.42
N ASN A 276 1.00 1.06 20.13
CA ASN A 276 0.18 1.96 20.93
C ASN A 276 -1.15 1.30 21.28
N LEU A 277 -1.12 0.01 21.59
CA LEU A 277 -2.32 -0.71 21.95
C LEU A 277 -2.63 -0.55 23.44
N THR A 278 -3.92 -0.62 23.76
CA THR A 278 -4.37 -0.66 25.15
C THR A 278 -4.70 -2.10 25.53
N VAL A 279 -5.05 -2.29 26.81
CA VAL A 279 -5.43 -3.63 27.26
C VAL A 279 -6.71 -4.08 26.57
N LYS A 280 -7.67 -3.18 26.40
CA LYS A 280 -8.91 -3.53 25.72
C LYS A 280 -8.66 -3.87 24.25
N GLY A 281 -7.82 -3.08 23.58
CA GLY A 281 -7.48 -3.39 22.20
C GLY A 281 -6.70 -4.67 22.07
N HIS A 282 -5.83 -4.95 23.04
CA HIS A 282 -5.08 -6.21 23.04
C HIS A 282 -6.00 -7.38 23.35
N ALA A 283 -6.86 -7.24 24.38
CA ALA A 283 -7.79 -8.31 24.74
C ALA A 283 -8.87 -8.52 23.69
N LYS A 284 -9.08 -7.55 22.80
CA LYS A 284 -10.03 -7.75 21.71
C LYS A 284 -9.64 -8.93 20.84
N CYS A 285 -8.34 -9.18 20.69
CA CYS A 285 -7.87 -10.33 19.93
C CYS A 285 -8.26 -11.64 20.59
N VAL A 286 -8.28 -11.67 21.93
CA VAL A 286 -8.62 -12.89 22.64
C VAL A 286 -10.08 -13.26 22.41
N GLU A 287 -10.98 -12.28 22.59
CA GLU A 287 -12.40 -12.57 22.45
C GLU A 287 -12.80 -12.81 21.00
N VAL A 288 -12.00 -12.34 20.04
CA VAL A 288 -12.27 -12.66 18.64
C VAL A 288 -11.93 -14.12 18.36
N VAL A 289 -10.75 -14.56 18.81
CA VAL A 289 -10.39 -15.97 18.67
C VAL A 289 -11.33 -16.85 19.48
N LYS A 290 -11.83 -16.33 20.60
CA LYS A 290 -12.70 -17.12 21.47
C LYS A 290 -14.06 -17.38 20.84
N THR A 291 -14.53 -16.48 19.96
CA THR A 291 -15.87 -16.63 19.39
C THR A 291 -15.99 -17.84 18.47
N PHE A 292 -14.86 -18.37 17.98
CA PHE A 292 -14.92 -19.51 17.08
C PHE A 292 -15.13 -20.83 17.81
N ASN A 293 -15.07 -20.83 19.14
CA ASN A 293 -15.43 -21.99 19.96
C ASN A 293 -14.61 -23.23 19.59
N LEU A 294 -13.31 -23.03 19.43
CA LEU A 294 -12.38 -24.13 19.25
C LEU A 294 -11.51 -24.29 20.48
N PRO A 295 -11.01 -25.51 20.76
CA PRO A 295 -10.04 -25.69 21.86
C PRO A 295 -8.89 -24.71 21.75
N LEU A 296 -8.72 -23.86 22.76
CA LEU A 296 -7.82 -22.73 22.69
C LEU A 296 -6.79 -22.80 23.82
N LEU A 297 -5.51 -22.69 23.46
CA LEU A 297 -4.42 -22.63 24.42
C LEU A 297 -3.86 -21.21 24.40
N MET A 298 -4.02 -20.50 25.51
CA MET A 298 -3.54 -19.13 25.64
C MET A 298 -2.21 -19.11 26.37
N LEU A 299 -1.21 -18.50 25.75
CA LEU A 299 0.14 -18.44 26.28
C LEU A 299 0.58 -16.99 26.43
N GLY A 300 1.61 -16.79 27.25
CA GLY A 300 2.17 -15.47 27.44
C GLY A 300 3.20 -15.11 26.40
N GLY A 301 4.33 -14.53 26.83
CA GLY A 301 5.38 -14.15 25.92
C GLY A 301 6.05 -12.85 26.30
N GLY A 302 6.13 -11.92 25.36
CA GLY A 302 6.75 -10.64 25.61
C GLY A 302 5.95 -9.79 26.60
N GLY A 303 6.50 -8.61 26.88
CA GLY A 303 5.91 -7.71 27.85
C GLY A 303 6.93 -7.29 28.88
N TYR A 304 7.36 -6.01 28.82
CA TYR A 304 8.50 -5.56 29.59
C TYR A 304 8.25 -4.26 30.33
N THR A 305 7.02 -3.76 30.34
CA THR A 305 6.53 -2.80 31.33
C THR A 305 5.59 -3.62 32.21
N ILE A 306 6.14 -4.20 33.27
CA ILE A 306 5.49 -5.34 33.93
C ILE A 306 4.17 -4.93 34.58
N ARG A 307 3.99 -3.67 34.94
CA ARG A 307 2.72 -3.25 35.53
C ARG A 307 1.58 -3.36 34.50
N ASN A 308 1.88 -3.09 33.22
CA ASN A 308 0.87 -3.27 32.18
C ASN A 308 0.73 -4.73 31.79
N VAL A 309 1.80 -5.52 31.94
CA VAL A 309 1.71 -6.95 31.68
C VAL A 309 0.74 -7.61 32.64
N ALA A 310 0.85 -7.26 33.92
CA ALA A 310 -0.09 -7.80 34.91
C ALA A 310 -1.51 -7.36 34.62
N ARG A 311 -1.69 -6.11 34.16
CA ARG A 311 -3.01 -5.65 33.76
C ARG A 311 -3.54 -6.44 32.57
N CYS A 312 -2.70 -6.61 31.54
CA CYS A 312 -3.17 -7.20 30.29
C CYS A 312 -3.59 -8.65 30.46
N TRP A 313 -2.74 -9.46 31.10
CA TRP A 313 -3.04 -10.88 31.24
C TRP A 313 -4.10 -11.17 32.29
N THR A 314 -4.29 -10.27 33.25
CA THR A 314 -5.40 -10.42 34.20
C THR A 314 -6.73 -10.19 33.49
N TYR A 315 -6.83 -9.12 32.71
CA TYR A 315 -8.07 -8.84 32.00
C TYR A 315 -8.34 -9.88 30.92
N GLU A 316 -7.30 -10.37 30.24
CA GLU A 316 -7.50 -11.38 29.22
C GLU A 316 -7.89 -12.72 29.83
N THR A 317 -7.52 -12.96 31.09
CA THR A 317 -8.03 -14.13 31.80
C THR A 317 -9.52 -13.96 32.10
N ALA A 318 -9.91 -12.75 32.52
CA ALA A 318 -11.32 -12.48 32.78
C ALA A 318 -12.14 -12.54 31.49
N VAL A 319 -11.56 -12.12 30.36
CA VAL A 319 -12.25 -12.22 29.09
C VAL A 319 -12.49 -13.69 28.73
N ALA A 320 -11.49 -14.55 28.96
CA ALA A 320 -11.67 -15.97 28.72
C ALA A 320 -12.76 -16.55 29.62
N LEU A 321 -12.85 -16.05 30.86
CA LEU A 321 -13.87 -16.50 31.79
C LEU A 321 -15.22 -15.83 31.56
N ASP A 322 -15.30 -14.86 30.65
CA ASP A 322 -16.51 -14.08 30.43
C ASP A 322 -16.98 -13.43 31.73
N CYS A 323 -16.01 -12.97 32.53
CA CYS A 323 -16.27 -12.32 33.80
C CYS A 323 -15.86 -10.87 33.71
N GLU A 324 -16.81 -9.96 33.93
CA GLU A 324 -16.52 -8.54 33.90
CA GLU A 324 -16.52 -8.54 33.90
C GLU A 324 -15.96 -8.11 35.25
N ILE A 325 -14.78 -7.48 35.24
CA ILE A 325 -14.13 -7.05 36.47
C ILE A 325 -14.04 -5.53 36.48
N PRO A 326 -14.08 -4.89 37.64
CA PRO A 326 -14.09 -3.42 37.68
C PRO A 326 -12.74 -2.83 37.30
N ASN A 327 -12.78 -1.59 36.82
CA ASN A 327 -11.56 -0.88 36.47
C ASN A 327 -10.75 -0.50 37.71
N GLU A 328 -11.40 -0.38 38.86
CA GLU A 328 -10.70 -0.13 40.12
C GLU A 328 -9.93 -1.38 40.53
N LEU A 329 -8.61 -1.28 40.58
CA LEU A 329 -7.80 -2.42 40.97
C LEU A 329 -8.00 -2.74 42.45
N PRO A 330 -8.26 -3.99 42.81
CA PRO A 330 -8.29 -4.34 44.23
C PRO A 330 -6.90 -4.31 44.82
N TYR A 331 -6.84 -4.27 46.14
CA TYR A 331 -5.55 -4.30 46.80
C TYR A 331 -4.85 -5.63 46.54
N ASN A 332 -3.54 -5.57 46.37
CA ASN A 332 -2.75 -6.76 46.09
C ASN A 332 -1.32 -6.54 46.60
N ASP A 333 -0.53 -7.61 46.55
CA ASP A 333 0.83 -7.57 47.08
C ASP A 333 1.74 -6.64 46.29
N TYR A 334 1.27 -6.10 45.17
CA TYR A 334 2.07 -5.21 44.33
C TYR A 334 1.25 -4.00 43.93
N PHE A 335 0.47 -3.48 44.89
CA PHE A 335 -0.45 -2.37 44.61
C PHE A 335 0.31 -1.13 44.17
N GLU A 336 1.51 -0.90 44.73
CA GLU A 336 2.28 0.28 44.39
C GLU A 336 2.79 0.24 42.96
N TYR A 337 2.92 -0.95 42.37
CA TYR A 337 3.38 -1.05 40.99
C TYR A 337 2.43 -0.40 40.00
N PHE A 338 1.17 -0.23 40.37
CA PHE A 338 0.14 0.23 39.45
C PHE A 338 -0.19 1.71 39.60
N GLY A 339 0.61 2.46 40.34
CA GLY A 339 0.44 3.88 40.44
C GLY A 339 0.76 4.57 39.14
N PRO A 340 0.39 5.86 39.02
CA PRO A 340 -0.31 6.63 40.05
C PRO A 340 -1.83 6.55 39.93
N ASP A 341 -2.32 5.72 39.01
CA ASP A 341 -3.75 5.63 38.75
C ASP A 341 -4.41 4.49 39.52
N PHE A 342 -3.72 3.35 39.65
CA PHE A 342 -4.26 2.15 40.28
C PHE A 342 -5.53 1.68 39.57
N LYS A 343 -5.55 1.85 38.26
CA LYS A 343 -6.64 1.40 37.41
C LYS A 343 -6.22 0.18 36.62
N LEU A 344 -7.21 -0.60 36.17
CA LEU A 344 -6.92 -1.81 35.42
C LEU A 344 -6.57 -1.49 33.98
N HIS A 345 -7.27 -0.56 33.35
CA HIS A 345 -7.08 -0.26 31.94
C HIS A 345 -6.17 0.94 31.75
N ILE A 346 -5.47 0.94 30.62
CA ILE A 346 -4.49 1.98 30.30
C ILE A 346 -5.01 2.82 29.15
N SER A 347 -4.41 4.00 29.00
CA SER A 347 -4.71 4.90 27.90
C SER A 347 -3.54 4.96 26.93
N PRO A 348 -3.80 5.10 25.63
CA PRO A 348 -2.71 5.14 24.66
C PRO A 348 -1.97 6.47 24.72
N SER A 349 -0.74 6.44 24.20
CA SER A 349 0.08 7.65 24.15
C SER A 349 -0.32 8.50 22.95
N ASN A 350 0.38 9.62 22.78
CA ASN A 350 0.15 10.52 21.66
C ASN A 350 1.10 10.25 20.49
N MET A 351 1.74 9.09 20.46
CA MET A 351 2.68 8.78 19.40
C MET A 351 1.95 8.65 18.07
N THR A 352 2.68 8.93 16.99
CA THR A 352 2.09 8.89 15.66
C THR A 352 1.93 7.45 15.20
N ASN A 353 0.76 7.15 14.62
CA ASN A 353 0.51 5.84 14.03
C ASN A 353 1.03 5.87 12.60
N GLN A 354 2.22 5.31 12.38
CA GLN A 354 2.80 5.27 11.04
C GLN A 354 2.10 4.27 10.13
N ASN A 355 1.13 3.51 10.64
CA ASN A 355 0.35 2.58 9.82
C ASN A 355 -0.86 3.33 9.28
N THR A 356 -0.74 3.85 8.06
CA THR A 356 -1.87 4.51 7.43
C THR A 356 -3.00 3.50 7.20
N PRO A 357 -4.25 3.95 7.22
CA PRO A 357 -5.36 3.02 6.96
C PRO A 357 -5.27 2.35 5.60
N GLU A 358 -4.66 3.00 4.61
CA GLU A 358 -4.48 2.38 3.31
C GLU A 358 -3.42 1.29 3.35
N TYR A 359 -2.35 1.52 4.12
CA TYR A 359 -1.33 0.50 4.30
C TYR A 359 -1.91 -0.75 4.93
N MET A 360 -2.72 -0.57 5.99
CA MET A 360 -3.34 -1.72 6.64
C MET A 360 -4.28 -2.46 5.69
N GLU A 361 -4.98 -1.72 4.83
CA GLU A 361 -5.88 -2.36 3.88
C GLU A 361 -5.12 -3.07 2.76
N LYS A 362 -3.95 -2.54 2.37
CA LYS A 362 -3.20 -3.15 1.29
C LYS A 362 -2.54 -4.45 1.74
N ILE A 363 -1.93 -4.45 2.93
CA ILE A 363 -1.30 -5.67 3.44
C ILE A 363 -2.36 -6.75 3.66
N LYS A 364 -3.54 -6.36 4.15
CA LYS A 364 -4.62 -7.32 4.33
C LYS A 364 -5.09 -7.89 2.99
N GLN A 365 -5.18 -7.04 1.96
CA GLN A 365 -5.64 -7.50 0.66
C GLN A 365 -4.65 -8.49 0.04
N ARG A 366 -3.35 -8.27 0.24
CA ARG A 366 -2.36 -9.19 -0.29
C ARG A 366 -2.34 -10.50 0.49
N LEU A 367 -2.71 -10.46 1.77
CA LEU A 367 -2.81 -11.70 2.55
C LEU A 367 -4.01 -12.53 2.12
N PHE A 368 -5.11 -11.88 1.74
CA PHE A 368 -6.27 -12.63 1.25
C PHE A 368 -5.95 -13.34 -0.06
N GLU A 369 -5.09 -12.75 -0.90
CA GLU A 369 -4.64 -13.43 -2.10
C GLU A 369 -3.96 -14.75 -1.78
N ASN A 370 -3.10 -14.76 -0.77
CA ASN A 370 -2.41 -15.99 -0.38
C ASN A 370 -3.37 -17.01 0.21
N LEU A 371 -4.32 -16.55 1.03
CA LEU A 371 -5.30 -17.45 1.61
C LEU A 371 -6.21 -18.07 0.56
N ARG A 372 -6.37 -17.41 -0.59
CA ARG A 372 -7.18 -17.98 -1.67
CA ARG A 372 -7.19 -17.98 -1.66
C ARG A 372 -6.53 -19.20 -2.29
N MET A 373 -5.23 -19.40 -2.09
CA MET A 373 -4.51 -20.54 -2.66
C MET A 373 -4.65 -21.80 -1.82
N LEU A 374 -5.49 -21.80 -0.80
CA LEU A 374 -5.72 -23.00 0.00
C LEU A 374 -6.81 -23.86 -0.62
N PRO A 375 -6.79 -25.18 -0.37
CA PRO A 375 -7.85 -26.06 -0.91
C PRO A 375 -9.19 -25.84 -0.23
N LYS B 10 23.48 -4.00 -22.45
CA LYS B 10 24.45 -3.02 -21.98
C LYS B 10 24.68 -3.13 -20.47
N LYS B 11 25.95 -3.15 -20.07
CA LYS B 11 26.29 -3.21 -18.66
C LYS B 11 26.00 -1.87 -17.99
N VAL B 12 25.41 -1.93 -16.79
CA VAL B 12 25.08 -0.74 -16.02
C VAL B 12 25.70 -0.89 -14.62
N CYS B 13 26.48 0.11 -14.22
CA CYS B 13 27.05 0.17 -12.88
C CYS B 13 26.31 1.21 -12.06
N TYR B 14 26.11 0.91 -10.78
CA TYR B 14 25.24 1.67 -9.90
C TYR B 14 25.95 1.93 -8.59
N TYR B 15 26.00 3.20 -8.17
CA TYR B 15 26.72 3.61 -6.99
C TYR B 15 25.76 4.01 -5.87
N TYR B 16 25.99 3.49 -4.67
CA TYR B 16 25.14 3.77 -3.53
C TYR B 16 25.89 3.42 -2.26
N ASP B 17 25.81 4.30 -1.26
CA ASP B 17 26.38 4.08 0.06
C ASP B 17 25.25 4.00 1.07
N GLY B 18 25.30 2.99 1.94
CA GLY B 18 24.19 2.72 2.84
C GLY B 18 23.93 3.80 3.86
N ASP B 19 24.86 4.73 4.04
CA ASP B 19 24.73 5.83 4.99
C ASP B 19 24.31 7.13 4.34
N ILE B 20 24.02 7.12 3.04
CA ILE B 20 23.69 8.37 2.35
C ILE B 20 22.37 8.93 2.85
N GLY B 21 21.45 8.06 3.29
CA GLY B 21 20.15 8.51 3.76
C GLY B 21 20.11 9.01 5.19
N ASN B 22 21.23 8.90 5.91
CA ASN B 22 21.28 9.34 7.30
C ASN B 22 21.70 10.80 7.45
N TYR B 23 22.22 11.42 6.40
CA TYR B 23 22.58 12.83 6.45
C TYR B 23 21.32 13.68 6.37
N TYR B 24 21.14 14.57 7.35
CA TYR B 24 19.89 15.29 7.56
C TYR B 24 20.15 16.78 7.39
N TYR B 25 19.41 17.41 6.46
CA TYR B 25 19.58 18.84 6.20
C TYR B 25 19.00 19.70 7.32
N GLY B 26 18.04 19.18 8.08
CA GLY B 26 17.41 19.93 9.15
C GLY B 26 15.91 19.82 9.10
N GLN B 27 15.29 20.23 10.21
CA GLN B 27 13.84 20.17 10.34
C GLN B 27 13.18 21.07 9.31
N GLY B 28 12.28 20.49 8.51
CA GLY B 28 11.54 21.23 7.52
C GLY B 28 12.25 21.49 6.21
N HIS B 29 13.51 21.10 6.09
CA HIS B 29 14.23 21.38 4.86
C HIS B 29 13.77 20.43 3.75
N PRO B 30 13.55 20.94 2.53
CA PRO B 30 13.02 20.07 1.47
C PRO B 30 13.97 18.98 1.03
N MET B 31 15.28 19.26 1.01
CA MET B 31 16.24 18.27 0.56
C MET B 31 16.39 17.16 1.60
N LYS B 32 15.99 15.95 1.24
CA LYS B 32 16.01 14.80 2.14
C LYS B 32 16.79 13.66 1.50
N PRO B 33 18.07 13.49 1.85
CA PRO B 33 18.84 12.36 1.29
C PRO B 33 18.24 10.99 1.60
N HIS B 34 17.24 10.93 2.48
CA HIS B 34 16.52 9.68 2.71
C HIS B 34 15.85 9.18 1.42
N ARG B 35 15.55 10.09 0.49
CA ARG B 35 14.92 9.68 -0.76
C ARG B 35 15.83 8.77 -1.59
N ILE B 36 17.15 8.89 -1.40
CA ILE B 36 18.07 8.02 -2.10
C ILE B 36 18.00 6.61 -1.54
N ARG B 37 17.83 6.48 -0.23
CA ARG B 37 17.67 5.16 0.38
C ARG B 37 16.34 4.55 0.00
N MET B 38 15.28 5.36 -0.08
CA MET B 38 13.99 4.86 -0.54
C MET B 38 14.08 4.35 -1.97
N THR B 39 14.80 5.07 -2.83
CA THR B 39 15.01 4.61 -4.21
C THR B 39 15.76 3.28 -4.22
N HIS B 40 16.85 3.20 -3.46
CA HIS B 40 17.65 1.97 -3.42
C HIS B 40 16.83 0.79 -2.91
N ASN B 41 16.08 1.00 -1.82
CA ASN B 41 15.30 -0.09 -1.25
C ASN B 41 14.18 -0.53 -2.17
N LEU B 42 13.59 0.40 -2.94
CA LEU B 42 12.59 0.02 -3.92
C LEU B 42 13.23 -0.71 -5.09
N LEU B 43 14.47 -0.34 -5.45
CA LEU B 43 15.17 -1.04 -6.52
C LEU B 43 15.44 -2.50 -6.14
N LEU B 44 15.86 -2.73 -4.89
CA LEU B 44 16.17 -4.09 -4.47
C LEU B 44 14.93 -4.98 -4.45
N ASN B 45 13.84 -4.48 -3.88
CA ASN B 45 12.61 -5.27 -3.81
C ASN B 45 11.97 -5.50 -5.17
N TYR B 46 12.39 -4.77 -6.20
CA TYR B 46 12.01 -5.08 -7.57
C TYR B 46 12.89 -6.16 -8.20
N GLY B 47 14.01 -6.48 -7.57
CA GLY B 47 14.95 -7.45 -8.12
C GLY B 47 15.90 -6.91 -9.16
N LEU B 48 15.97 -5.59 -9.33
CA LEU B 48 16.84 -4.99 -10.33
C LEU B 48 18.31 -5.08 -9.96
N TYR B 49 18.63 -5.49 -8.74
CA TYR B 49 20.03 -5.69 -8.36
C TYR B 49 20.67 -6.86 -9.10
N ARG B 50 19.86 -7.78 -9.62
CA ARG B 50 20.40 -8.95 -10.31
C ARG B 50 20.96 -8.61 -11.69
N LYS B 51 20.62 -7.45 -12.24
CA LYS B 51 20.99 -7.09 -13.60
C LYS B 51 21.99 -5.94 -13.68
N MET B 52 22.48 -5.44 -12.55
CA MET B 52 23.42 -4.34 -12.57
C MET B 52 24.47 -4.51 -11.48
N GLU B 53 25.66 -4.00 -11.74
CA GLU B 53 26.72 -3.99 -10.74
C GLU B 53 26.48 -2.85 -9.76
N ILE B 54 26.49 -3.18 -8.47
CA ILE B 54 26.27 -2.20 -7.40
C ILE B 54 27.61 -1.95 -6.72
N TYR B 55 28.02 -0.70 -6.67
CA TYR B 55 29.28 -0.31 -6.05
C TYR B 55 29.03 0.66 -4.91
N ARG B 56 29.87 0.56 -3.89
CA ARG B 56 29.91 1.59 -2.86
C ARG B 56 30.85 2.71 -3.30
N PRO B 57 30.41 3.97 -3.27
CA PRO B 57 31.30 5.06 -3.70
C PRO B 57 32.40 5.30 -2.67
N HIS B 58 33.53 5.77 -3.17
CA HIS B 58 34.59 6.23 -2.28
C HIS B 58 34.28 7.65 -1.80
N LYS B 59 34.90 8.03 -0.69
CA LYS B 59 34.81 9.40 -0.21
C LYS B 59 35.79 10.24 -1.02
N ALA B 60 35.27 11.08 -1.90
CA ALA B 60 36.11 11.90 -2.76
C ALA B 60 37.03 12.77 -1.93
N THR B 61 38.32 12.78 -2.29
CA THR B 61 39.31 13.50 -1.53
C THR B 61 39.28 14.99 -1.85
N ALA B 62 40.04 15.77 -1.08
CA ALA B 62 40.10 17.20 -1.31
C ALA B 62 40.74 17.53 -2.65
N GLU B 63 41.76 16.77 -3.04
CA GLU B 63 42.43 17.04 -4.32
C GLU B 63 41.53 16.70 -5.51
N GLU B 64 40.56 15.80 -5.34
CA GLU B 64 39.59 15.55 -6.40
C GLU B 64 38.65 16.73 -6.56
N MET B 65 38.22 17.31 -5.43
CA MET B 65 37.29 18.43 -5.48
C MET B 65 37.97 19.71 -5.94
N THR B 66 39.25 19.90 -5.59
CA THR B 66 39.97 21.09 -6.02
C THR B 66 40.32 21.07 -7.50
N LYS B 67 39.97 20.00 -8.23
CA LYS B 67 40.06 20.03 -9.68
C LYS B 67 39.18 21.14 -10.27
N TYR B 68 38.17 21.59 -9.53
CA TYR B 68 37.33 22.70 -9.98
C TYR B 68 37.17 23.72 -8.86
N HIS B 69 36.73 23.28 -7.68
CA HIS B 69 36.49 24.19 -6.58
C HIS B 69 37.80 24.75 -6.04
N SER B 70 37.70 25.93 -5.42
CA SER B 70 38.88 26.58 -4.86
C SER B 70 39.33 25.88 -3.58
N ASP B 71 40.62 26.07 -3.26
CA ASP B 71 41.17 25.43 -2.07
C ASP B 71 40.51 25.94 -0.80
N GLU B 72 40.30 27.25 -0.69
CA GLU B 72 39.73 27.82 0.53
C GLU B 72 38.29 27.39 0.74
N TYR B 73 37.52 27.23 -0.34
CA TYR B 73 36.14 26.81 -0.19
C TYR B 73 36.04 25.35 0.23
N ILE B 74 36.91 24.49 -0.32
CA ILE B 74 36.90 23.08 0.08
C ILE B 74 37.38 22.92 1.51
N LYS B 75 38.40 23.69 1.91
CA LYS B 75 38.86 23.64 3.29
C LYS B 75 37.78 24.09 4.26
N PHE B 76 36.96 25.08 3.86
CA PHE B 76 35.85 25.51 4.69
C PHE B 76 34.82 24.40 4.85
N LEU B 77 34.50 23.71 3.76
CA LEU B 77 33.52 22.63 3.83
C LEU B 77 34.01 21.50 4.72
N ARG B 78 35.31 21.22 4.72
CA ARG B 78 35.88 20.19 5.56
C ARG B 78 36.03 20.61 7.01
N SER B 79 35.87 21.90 7.32
CA SER B 79 36.05 22.42 8.66
C SER B 79 34.76 22.84 9.33
N ILE B 80 33.75 23.25 8.57
CA ILE B 80 32.53 23.80 9.17
C ILE B 80 31.75 22.67 9.85
N ARG B 81 31.26 22.97 11.04
CA ARG B 81 30.45 22.05 11.84
C ARG B 81 29.38 22.85 12.55
N PRO B 82 28.30 22.19 12.98
CA PRO B 82 27.26 22.93 13.73
C PRO B 82 27.76 23.54 15.03
N ASP B 83 28.84 23.01 15.62
CA ASP B 83 29.31 23.49 16.91
C ASP B 83 30.28 24.65 16.80
N ASN B 84 30.91 24.85 15.64
CA ASN B 84 31.88 25.94 15.47
C ASN B 84 31.38 26.99 14.48
N MET B 85 30.06 27.14 14.34
CA MET B 85 29.52 28.14 13.43
C MET B 85 29.81 29.56 13.93
N SER B 86 29.95 29.74 15.24
CA SER B 86 30.22 31.08 15.78
C SER B 86 31.58 31.60 15.34
N GLU B 87 32.56 30.71 15.17
CA GLU B 87 33.90 31.11 14.75
C GLU B 87 34.04 31.24 13.25
N TYR B 88 33.03 30.79 12.48
CA TYR B 88 33.07 30.86 11.02
C TYR B 88 31.94 31.70 10.45
N SER B 89 31.42 32.65 11.24
CA SER B 89 30.28 33.45 10.78
C SER B 89 30.64 34.23 9.52
N LYS B 90 31.86 34.76 9.44
CA LYS B 90 32.28 35.49 8.25
C LYS B 90 32.41 34.58 7.05
N GLN B 91 33.02 33.41 7.23
CA GLN B 91 33.21 32.50 6.11
C GLN B 91 31.92 31.81 5.69
N MET B 92 30.99 31.63 6.63
CA MET B 92 29.66 31.13 6.26
C MET B 92 28.96 32.09 5.31
N GLN B 93 29.26 33.38 5.41
CA GLN B 93 28.64 34.38 4.55
C GLN B 93 29.28 34.42 3.18
N ARG B 94 30.61 34.32 3.11
CA ARG B 94 31.30 34.36 1.83
C ARG B 94 30.97 33.15 0.96
N PHE B 95 30.77 31.98 1.57
CA PHE B 95 30.55 30.75 0.84
C PHE B 95 29.07 30.37 0.77
N ASN B 96 28.17 31.22 1.27
CA ASN B 96 26.72 31.04 1.15
C ASN B 96 26.27 29.72 1.78
N VAL B 97 26.83 29.41 2.96
CA VAL B 97 26.50 28.20 3.69
C VAL B 97 25.91 28.60 5.03
N GLY B 98 24.68 28.16 5.30
CA GLY B 98 24.04 28.45 6.56
C GLY B 98 22.54 28.68 6.48
N GLU B 99 22.08 29.20 5.34
CA GLU B 99 20.67 29.52 5.17
C GLU B 99 20.07 28.51 4.22
N ASP B 100 20.07 28.77 2.91
CA ASP B 100 19.49 27.81 1.96
C ASP B 100 20.26 26.49 1.97
N CYS B 101 21.58 26.57 2.14
CA CYS B 101 22.44 25.39 2.25
C CYS B 101 22.95 25.32 3.69
N PRO B 102 22.23 24.68 4.59
CA PRO B 102 22.57 24.76 6.02
C PRO B 102 23.79 23.93 6.37
N VAL B 103 24.27 24.14 7.60
CA VAL B 103 25.34 23.33 8.17
C VAL B 103 24.71 22.20 8.95
N PHE B 104 25.17 20.98 8.71
CA PHE B 104 24.66 19.81 9.43
C PHE B 104 25.79 18.82 9.65
N ASP B 105 25.53 17.86 10.53
CA ASP B 105 26.54 16.86 10.87
C ASP B 105 26.84 15.99 9.65
N GLY B 106 28.12 15.76 9.40
CA GLY B 106 28.53 14.96 8.26
C GLY B 106 28.33 15.65 6.93
N LEU B 107 28.35 16.99 6.91
CA LEU B 107 28.15 17.72 5.67
C LEU B 107 29.22 17.37 4.65
N PHE B 108 30.49 17.35 5.07
CA PHE B 108 31.57 17.05 4.13
C PHE B 108 31.54 15.60 3.70
N GLU B 109 31.19 14.68 4.61
CA GLU B 109 31.07 13.28 4.23
C GLU B 109 29.97 13.08 3.19
N PHE B 110 28.86 13.79 3.34
CA PHE B 110 27.79 13.71 2.35
C PHE B 110 28.27 14.18 0.98
N CYS B 111 29.04 15.27 0.95
CA CYS B 111 29.60 15.75 -0.31
C CYS B 111 30.60 14.77 -0.88
N GLN B 112 31.34 14.05 -0.03
CA GLN B 112 32.32 13.09 -0.51
C GLN B 112 31.63 11.88 -1.15
N LEU B 113 30.57 11.37 -0.52
CA LEU B 113 29.85 10.23 -1.09
C LEU B 113 29.08 10.64 -2.33
N SER B 114 28.49 11.83 -2.32
CA SER B 114 27.78 12.32 -3.50
C SER B 114 28.74 12.51 -4.68
N THR B 115 29.91 13.10 -4.42
CA THR B 115 30.87 13.32 -5.49
C THR B 115 31.59 12.04 -5.87
N GLY B 116 31.91 11.19 -4.89
CA GLY B 116 32.64 9.96 -5.18
C GLY B 116 31.91 9.06 -6.16
N GLY B 117 30.59 8.99 -6.04
CA GLY B 117 29.82 8.15 -6.96
C GLY B 117 29.86 8.66 -8.38
N SER B 118 29.80 9.98 -8.56
CA SER B 118 29.81 10.54 -9.91
C SER B 118 31.18 10.44 -10.55
N VAL B 119 32.24 10.75 -9.80
CA VAL B 119 33.59 10.67 -10.34
C VAL B 119 33.96 9.23 -10.65
N ALA B 120 33.61 8.31 -9.75
CA ALA B 120 33.92 6.90 -9.99
C ALA B 120 33.12 6.36 -11.18
N GLY B 121 31.90 6.84 -11.37
CA GLY B 121 31.14 6.42 -12.54
C GLY B 121 31.74 6.93 -13.83
N ALA B 122 32.25 8.16 -13.83
CA ALA B 122 32.92 8.70 -15.01
C ALA B 122 34.22 7.95 -15.30
N VAL B 123 34.89 7.45 -14.27
CA VAL B 123 36.12 6.68 -14.48
C VAL B 123 35.81 5.37 -15.17
N LYS B 124 34.77 4.66 -14.72
CA LYS B 124 34.40 3.40 -15.36
C LYS B 124 33.90 3.63 -16.78
N LEU B 125 33.36 4.82 -17.08
CA LEU B 125 32.98 5.13 -18.45
C LEU B 125 34.20 5.37 -19.32
N ASN B 126 35.21 6.07 -18.79
CA ASN B 126 36.43 6.32 -19.55
C ASN B 126 37.18 5.02 -19.85
N ARG B 127 37.26 4.13 -18.87
CA ARG B 127 37.92 2.83 -19.06
C ARG B 127 37.07 1.84 -19.82
N GLN B 128 35.89 2.25 -20.30
CA GLN B 128 35.02 1.46 -21.17
C GLN B 128 34.65 0.11 -20.55
N GLN B 129 34.70 0.02 -19.22
CA GLN B 129 34.25 -1.19 -18.53
C GLN B 129 32.79 -1.09 -18.09
N THR B 130 32.04 -0.13 -18.64
CA THR B 130 30.61 -0.02 -18.43
C THR B 130 30.04 0.89 -19.51
N ASP B 131 28.75 0.69 -19.81
CA ASP B 131 28.05 1.53 -20.77
C ASP B 131 27.21 2.61 -20.11
N MET B 132 26.81 2.42 -18.86
CA MET B 132 26.00 3.39 -18.14
C MET B 132 26.39 3.38 -16.67
N ALA B 133 26.59 4.57 -16.11
CA ALA B 133 26.90 4.74 -14.70
C ALA B 133 25.79 5.54 -14.05
N VAL B 134 25.32 5.07 -12.89
CA VAL B 134 24.18 5.66 -12.20
C VAL B 134 24.62 6.08 -10.81
N ASN B 135 24.31 7.33 -10.45
CA ASN B 135 24.59 7.85 -9.10
C ASN B 135 23.47 8.81 -8.74
N TRP B 136 22.45 8.29 -8.06
CA TRP B 136 21.32 9.13 -7.67
C TRP B 136 21.67 10.11 -6.56
N ALA B 137 22.78 9.87 -5.85
CA ALA B 137 23.25 10.79 -4.83
C ALA B 137 23.89 12.05 -5.43
N GLY B 138 24.23 12.02 -6.72
CA GLY B 138 24.83 13.16 -7.38
C GLY B 138 23.79 14.02 -8.07
N GLY B 139 24.26 14.81 -9.03
CA GLY B 139 23.40 15.73 -9.74
C GLY B 139 23.19 17.06 -9.08
N LEU B 140 24.07 17.46 -8.16
CA LEU B 140 23.96 18.74 -7.45
C LEU B 140 24.52 19.84 -8.34
N HIS B 141 23.70 20.26 -9.30
CA HIS B 141 24.11 21.12 -10.40
C HIS B 141 24.22 22.59 -10.04
N HIS B 142 23.89 22.99 -8.81
CA HIS B 142 23.89 24.40 -8.47
C HIS B 142 25.18 24.86 -7.81
N ALA B 143 26.02 23.94 -7.35
CA ALA B 143 27.22 24.32 -6.63
C ALA B 143 28.18 25.09 -7.53
N LYS B 144 28.74 26.17 -7.00
CA LYS B 144 29.66 27.03 -7.73
C LYS B 144 31.09 26.69 -7.35
N LYS B 145 32.04 27.38 -7.99
CA LYS B 145 33.45 27.12 -7.74
C LYS B 145 33.84 27.43 -6.30
N SER B 146 33.33 28.54 -5.76
CA SER B 146 33.64 28.93 -4.39
C SER B 146 32.39 29.30 -3.60
N GLU B 147 31.23 28.80 -4.02
CA GLU B 147 29.98 29.12 -3.34
C GLU B 147 29.05 27.92 -3.39
N ALA B 148 28.36 27.66 -2.28
CA ALA B 148 27.25 26.73 -2.29
C ALA B 148 25.98 27.45 -2.72
N SER B 149 25.05 26.69 -3.30
CA SER B 149 23.81 27.28 -3.79
C SER B 149 22.80 26.17 -4.04
N GLY B 150 21.53 26.51 -3.83
CA GLY B 150 20.43 25.61 -4.13
C GLY B 150 20.57 24.21 -3.57
N PHE B 151 20.90 24.12 -2.28
CA PHE B 151 21.10 22.88 -1.53
C PHE B 151 22.32 22.11 -1.99
N CYS B 152 23.13 22.68 -2.88
CA CYS B 152 24.29 22.00 -3.45
C CYS B 152 25.56 22.64 -2.91
N TYR B 153 26.50 21.80 -2.48
CA TYR B 153 27.78 22.26 -1.92
C TYR B 153 28.94 21.98 -2.85
N VAL B 154 29.12 20.73 -3.27
CA VAL B 154 30.18 20.34 -4.20
C VAL B 154 29.51 19.90 -5.51
N ASN B 155 29.94 20.49 -6.61
CA ASN B 155 29.35 20.20 -7.92
C ASN B 155 29.99 18.92 -8.44
N ASP B 156 29.34 17.79 -8.14
CA ASP B 156 29.83 16.50 -8.62
C ASP B 156 29.77 16.40 -10.14
N ILE B 157 28.82 17.11 -10.76
CA ILE B 157 28.67 17.03 -12.22
C ILE B 157 29.89 17.63 -12.92
N VAL B 158 30.32 18.81 -12.47
CA VAL B 158 31.48 19.46 -13.08
C VAL B 158 32.72 18.59 -12.90
N LEU B 159 32.89 18.01 -11.71
CA LEU B 159 34.05 17.15 -11.47
C LEU B 159 33.97 15.88 -12.31
N ALA B 160 32.77 15.32 -12.48
CA ALA B 160 32.63 14.12 -13.30
C ALA B 160 32.86 14.42 -14.77
N ILE B 161 32.43 15.59 -15.24
CA ILE B 161 32.67 15.96 -16.63
C ILE B 161 34.15 16.21 -16.87
N LEU B 162 34.83 16.83 -15.91
CA LEU B 162 36.28 17.03 -16.04
C LEU B 162 37.00 15.69 -16.16
N GLU B 163 36.51 14.67 -15.47
CA GLU B 163 37.10 13.34 -15.61
C GLU B 163 36.84 12.78 -17.00
N LEU B 164 35.61 12.94 -17.51
CA LEU B 164 35.31 12.47 -18.86
C LEU B 164 36.08 13.25 -19.92
N LEU B 165 36.38 14.52 -19.65
CA LEU B 165 37.15 15.33 -20.59
C LEU B 165 38.59 14.86 -20.75
N LYS B 166 39.05 13.94 -19.91
CA LYS B 166 40.37 13.36 -20.10
C LYS B 166 40.43 12.45 -21.32
N TYR B 167 39.32 11.76 -21.61
CA TYR B 167 39.27 10.81 -22.71
C TYR B 167 38.32 11.21 -23.83
N HIS B 168 37.48 12.23 -23.63
CA HIS B 168 36.47 12.61 -24.60
C HIS B 168 36.69 14.06 -25.02
N GLN B 169 36.74 14.30 -26.33
CA GLN B 169 36.94 15.66 -26.82
C GLN B 169 35.70 16.52 -26.59
N ARG B 170 34.52 15.92 -26.71
CA ARG B 170 33.26 16.63 -26.55
C ARG B 170 32.34 15.84 -25.63
N VAL B 171 31.81 16.50 -24.61
CA VAL B 171 30.89 15.90 -23.65
C VAL B 171 29.60 16.70 -23.64
N LEU B 172 28.47 16.00 -23.77
CA LEU B 172 27.16 16.63 -23.76
C LEU B 172 26.52 16.48 -22.38
N TYR B 173 26.05 17.59 -21.82
CA TYR B 173 25.37 17.59 -20.53
C TYR B 173 23.92 17.98 -20.73
N ILE B 174 23.01 17.15 -20.22
CA ILE B 174 21.57 17.38 -20.31
C ILE B 174 21.01 17.48 -18.90
N ASP B 175 20.13 18.45 -18.69
CA ASP B 175 19.58 18.77 -17.37
C ASP B 175 18.07 18.87 -17.49
N ILE B 176 17.36 17.90 -16.91
CA ILE B 176 15.90 17.91 -16.92
C ILE B 176 15.33 18.25 -15.55
N ASP B 177 16.17 18.67 -14.62
CA ASP B 177 15.69 19.28 -13.38
C ASP B 177 14.87 20.52 -13.70
N ILE B 178 13.86 20.79 -12.87
CA ILE B 178 13.01 21.95 -13.14
C ILE B 178 13.78 23.25 -12.97
N HIS B 179 14.85 23.26 -12.19
CA HIS B 179 15.69 24.43 -12.04
C HIS B 179 16.82 24.41 -13.05
N HIS B 180 17.33 25.60 -13.37
CA HIS B 180 18.40 25.72 -14.36
C HIS B 180 19.71 25.24 -13.78
N GLY B 181 20.42 24.40 -14.54
CA GLY B 181 21.74 23.96 -14.12
C GLY B 181 22.78 25.05 -14.30
N ASP B 182 22.71 26.08 -13.46
CA ASP B 182 23.58 27.23 -13.62
C ASP B 182 25.02 26.91 -13.28
N GLY B 183 25.25 26.05 -12.28
CA GLY B 183 26.61 25.73 -11.89
C GLY B 183 27.37 25.00 -12.97
N VAL B 184 26.74 24.02 -13.60
CA VAL B 184 27.40 23.27 -14.67
C VAL B 184 27.59 24.16 -15.89
N GLU B 185 26.61 25.00 -16.20
CA GLU B 185 26.72 25.90 -17.35
C GLU B 185 27.83 26.92 -17.14
N GLU B 186 27.94 27.47 -15.93
CA GLU B 186 28.96 28.47 -15.66
C GLU B 186 30.36 27.89 -15.78
N ALA B 187 30.54 26.63 -15.39
CA ALA B 187 31.85 26.01 -15.42
C ALA B 187 32.36 25.79 -16.83
N PHE B 188 31.46 25.61 -17.79
CA PHE B 188 31.83 25.34 -19.18
C PHE B 188 31.22 26.36 -20.13
N TYR B 189 30.99 27.59 -19.65
CA TYR B 189 30.34 28.60 -20.48
C TYR B 189 31.27 29.14 -21.56
N THR B 190 32.59 29.03 -21.39
CA THR B 190 33.55 29.56 -22.34
C THR B 190 34.38 28.48 -23.01
N THR B 191 33.77 27.31 -23.25
CA THR B 191 34.47 26.23 -23.94
C THR B 191 33.48 25.46 -24.81
N ASP B 192 33.96 25.00 -25.95
CA ASP B 192 33.18 24.18 -26.86
C ASP B 192 33.34 22.69 -26.60
N ARG B 193 34.18 22.32 -25.62
CA ARG B 193 34.39 20.92 -25.31
C ARG B 193 33.26 20.32 -24.48
N VAL B 194 32.38 21.15 -23.92
CA VAL B 194 31.23 20.68 -23.15
C VAL B 194 30.02 21.52 -23.56
N MET B 195 28.99 20.88 -24.09
CA MET B 195 27.74 21.54 -24.42
C MET B 195 26.71 21.24 -23.33
N THR B 196 26.15 22.30 -22.75
CA THR B 196 25.17 22.18 -21.68
C THR B 196 23.78 22.49 -22.23
N VAL B 197 22.86 21.56 -22.05
CA VAL B 197 21.47 21.71 -22.49
C VAL B 197 20.59 21.57 -21.26
N SER B 198 19.88 22.64 -20.90
CA SER B 198 19.07 22.69 -19.69
C SER B 198 17.64 23.04 -20.06
N PHE B 199 16.70 22.18 -19.67
CA PHE B 199 15.27 22.46 -19.73
C PHE B 199 14.81 22.83 -18.32
N HIS B 200 14.12 23.95 -18.20
CA HIS B 200 13.83 24.48 -16.87
C HIS B 200 12.73 25.54 -16.96
N LYS B 201 12.15 25.86 -15.81
CA LYS B 201 11.25 26.99 -15.70
C LYS B 201 12.06 28.28 -15.55
N TYR B 202 11.65 29.31 -16.28
CA TYR B 202 12.33 30.60 -16.27
C TYR B 202 11.32 31.70 -16.00
N GLY B 203 11.72 32.67 -15.17
CA GLY B 203 10.84 33.77 -14.82
C GLY B 203 10.39 33.72 -13.37
N GLU B 204 10.99 34.57 -12.53
CA GLU B 204 10.68 34.62 -11.11
C GLU B 204 10.84 33.25 -10.45
N TYR B 205 11.94 32.58 -10.77
CA TYR B 205 12.16 31.22 -10.29
C TYR B 205 13.65 31.01 -10.08
N PHE B 206 13.98 30.20 -9.08
CA PHE B 206 15.38 29.91 -8.77
C PHE B 206 16.02 29.16 -9.94
N PRO B 207 17.28 29.43 -10.28
CA PRO B 207 18.14 30.47 -9.67
C PRO B 207 18.11 31.80 -10.41
N GLY B 208 17.13 31.99 -11.28
CA GLY B 208 16.99 33.22 -12.04
C GLY B 208 17.82 33.30 -13.30
N THR B 209 18.53 32.24 -13.66
CA THR B 209 19.34 32.20 -14.87
C THR B 209 18.71 31.25 -15.88
N GLY B 210 19.46 30.97 -16.95
CA GLY B 210 18.96 30.09 -17.98
C GLY B 210 18.09 30.75 -19.02
N ASP B 211 18.36 32.02 -19.34
CA ASP B 211 17.61 32.70 -20.37
C ASP B 211 17.84 32.04 -21.72
N LEU B 212 16.85 32.17 -22.61
CA LEU B 212 16.97 31.60 -23.95
C LEU B 212 18.16 32.17 -24.69
N ARG B 213 18.53 33.41 -24.42
CA ARG B 213 19.59 34.10 -25.14
C ARG B 213 20.97 33.86 -24.55
N ASP B 214 21.07 33.14 -23.44
CA ASP B 214 22.36 32.76 -22.87
C ASP B 214 22.88 31.55 -23.64
N ILE B 215 23.75 31.80 -24.62
CA ILE B 215 24.22 30.75 -25.52
C ILE B 215 25.68 30.41 -25.34
N GLY B 216 26.40 31.13 -24.49
CA GLY B 216 27.82 30.90 -24.29
C GLY B 216 28.64 32.12 -24.64
N ALA B 217 29.95 31.96 -24.52
CA ALA B 217 30.90 33.03 -24.82
C ALA B 217 32.22 32.42 -25.23
N GLY B 218 33.02 33.23 -25.93
CA GLY B 218 34.31 32.75 -26.40
C GLY B 218 34.17 31.59 -27.36
N LYS B 219 35.01 30.58 -27.16
CA LYS B 219 34.89 29.35 -27.96
C LYS B 219 33.60 28.60 -27.63
N GLY B 220 32.98 28.88 -26.50
CA GLY B 220 31.77 28.23 -26.07
C GLY B 220 30.47 28.88 -26.52
N LYS B 221 30.53 29.90 -27.38
CA LYS B 221 29.32 30.50 -27.90
C LYS B 221 28.57 29.50 -28.77
N TYR B 222 27.26 29.43 -28.58
CA TYR B 222 26.34 28.45 -29.18
C TYR B 222 26.51 27.06 -28.60
N TYR B 223 27.34 26.89 -27.57
CA TYR B 223 27.50 25.60 -26.90
C TYR B 223 26.81 25.58 -25.53
N ALA B 224 25.84 26.46 -25.33
CA ALA B 224 25.02 26.48 -24.11
C ALA B 224 23.57 26.64 -24.54
N VAL B 225 22.78 25.59 -24.39
CA VAL B 225 21.39 25.57 -24.82
C VAL B 225 20.50 25.64 -23.59
N ASN B 226 19.51 26.54 -23.63
CA ASN B 226 18.58 26.73 -22.52
C ASN B 226 17.17 26.83 -23.09
N PHE B 227 16.29 25.93 -22.64
CA PHE B 227 14.88 25.96 -23.05
C PHE B 227 14.05 26.45 -21.88
N PRO B 228 13.67 27.73 -21.84
CA PRO B 228 12.80 28.21 -20.77
C PRO B 228 11.38 27.69 -20.95
N MET B 229 10.74 27.33 -19.84
CA MET B 229 9.40 26.77 -19.85
C MET B 229 8.52 27.49 -18.83
N ARG B 230 7.22 27.25 -18.93
CA ARG B 230 6.23 27.80 -18.02
C ARG B 230 5.62 26.68 -17.19
N ASP B 231 4.70 27.05 -16.31
CA ASP B 231 4.10 26.09 -15.39
C ASP B 231 3.16 25.13 -16.12
N GLY B 232 3.13 23.89 -15.63
CA GLY B 232 2.12 22.93 -16.04
C GLY B 232 2.44 22.11 -17.27
N ILE B 233 3.68 22.10 -17.74
CA ILE B 233 4.01 21.31 -18.92
C ILE B 233 3.82 19.83 -18.62
N ASP B 234 3.29 19.10 -19.59
CA ASP B 234 2.92 17.70 -19.42
C ASP B 234 3.82 16.80 -20.28
N ASP B 235 3.51 15.50 -20.24
CA ASP B 235 4.35 14.53 -20.94
C ASP B 235 4.39 14.77 -22.44
N GLU B 236 3.22 15.05 -23.04
CA GLU B 236 3.18 15.25 -24.48
C GLU B 236 3.98 16.48 -24.90
N SER B 237 3.76 17.61 -24.21
CA SER B 237 4.48 18.82 -24.57
C SER B 237 5.98 18.68 -24.35
N TYR B 238 6.37 18.07 -23.22
CA TYR B 238 7.79 17.92 -22.92
C TYR B 238 8.47 16.99 -23.92
N GLY B 239 7.81 15.87 -24.26
CA GLY B 239 8.43 14.92 -25.17
C GLY B 239 8.56 15.44 -26.58
N GLN B 240 7.56 16.18 -27.06
CA GLN B 240 7.57 16.68 -28.43
C GLN B 240 8.63 17.74 -28.67
N ILE B 241 9.30 18.22 -27.62
CA ILE B 241 10.42 19.13 -27.79
C ILE B 241 11.75 18.55 -27.31
N PHE B 242 11.74 17.57 -26.41
CA PHE B 242 12.99 17.00 -25.92
C PHE B 242 13.65 16.14 -27.01
N LYS B 243 12.86 15.27 -27.64
CA LYS B 243 13.43 14.38 -28.65
C LYS B 243 14.00 15.12 -29.86
N PRO B 244 13.28 16.07 -30.49
CA PRO B 244 13.88 16.75 -31.65
C PRO B 244 15.08 17.61 -31.31
N ILE B 245 15.08 18.25 -30.14
CA ILE B 245 16.19 19.13 -29.78
C ILE B 245 17.44 18.30 -29.46
N ILE B 246 17.29 17.26 -28.65
CA ILE B 246 18.42 16.41 -28.32
C ILE B 246 18.95 15.73 -29.58
N SER B 247 18.05 15.29 -30.46
CA SER B 247 18.49 14.70 -31.72
C SER B 247 19.25 15.70 -32.56
N LYS B 248 18.80 16.96 -32.57
CA LYS B 248 19.52 18.00 -33.30
C LYS B 248 20.87 18.29 -32.65
N VAL B 249 20.94 18.22 -31.32
CA VAL B 249 22.21 18.41 -30.63
C VAL B 249 23.17 17.27 -30.96
N MET B 250 22.66 16.04 -30.99
CA MET B 250 23.50 14.89 -31.33
C MET B 250 24.05 15.01 -32.74
N GLU B 251 23.25 15.54 -33.67
CA GLU B 251 23.69 15.64 -35.05
C GLU B 251 24.78 16.68 -35.21
N MET B 252 24.57 17.88 -34.64
CA MET B 252 25.53 18.96 -34.84
C MET B 252 26.76 18.80 -33.95
N TYR B 253 26.55 18.57 -32.65
CA TYR B 253 27.67 18.54 -31.71
C TYR B 253 28.44 17.22 -31.79
N GLN B 254 27.73 16.11 -31.98
CA GLN B 254 28.30 14.77 -32.05
C GLN B 254 29.20 14.49 -30.85
N PRO B 255 28.64 14.35 -29.65
CA PRO B 255 29.47 14.06 -28.48
C PRO B 255 29.85 12.59 -28.41
N SER B 256 30.89 12.32 -27.62
CA SER B 256 31.34 10.97 -27.36
C SER B 256 31.00 10.49 -25.96
N ALA B 257 30.39 11.34 -25.13
CA ALA B 257 29.97 10.98 -23.79
C ALA B 257 28.85 11.92 -23.37
N VAL B 258 27.87 11.39 -22.65
CA VAL B 258 26.69 12.15 -22.25
C VAL B 258 26.52 12.06 -20.74
N VAL B 259 26.24 13.20 -20.11
CA VAL B 259 25.91 13.27 -18.69
C VAL B 259 24.48 13.78 -18.58
N LEU B 260 23.60 12.97 -18.00
CA LEU B 260 22.19 13.30 -17.88
C LEU B 260 21.84 13.50 -16.41
N GLN B 261 21.50 14.74 -16.06
CA GLN B 261 21.01 15.07 -14.72
C GLN B 261 19.50 14.85 -14.69
N CYS B 262 19.05 13.94 -13.82
CA CYS B 262 17.65 13.55 -13.81
C CYS B 262 16.90 14.13 -12.61
N GLY B 263 16.96 15.45 -12.44
CA GLY B 263 16.24 16.10 -11.36
C GLY B 263 14.76 15.79 -11.37
N ALA B 264 14.27 15.17 -10.28
CA ALA B 264 12.89 14.72 -10.22
C ALA B 264 11.92 15.80 -9.78
N ASP B 265 12.40 17.02 -9.49
CA ASP B 265 11.47 18.08 -9.10
C ASP B 265 10.67 18.64 -10.26
N SER B 266 10.88 18.13 -11.47
CA SER B 266 10.04 18.46 -12.61
C SER B 266 8.84 17.54 -12.73
N LEU B 267 8.57 16.73 -11.71
CA LEU B 267 7.42 15.84 -11.71
C LEU B 267 6.18 16.55 -11.19
N SER B 268 5.02 16.05 -11.60
CA SER B 268 3.76 16.60 -11.11
C SER B 268 3.64 16.39 -9.61
N GLY B 269 3.32 17.46 -8.88
CA GLY B 269 3.14 17.37 -7.44
C GLY B 269 4.39 17.53 -6.62
N ASP B 270 5.46 18.09 -7.18
CA ASP B 270 6.67 18.31 -6.41
C ASP B 270 6.46 19.44 -5.41
N ARG B 271 7.13 19.31 -4.25
CA ARG B 271 6.97 20.31 -3.19
C ARG B 271 7.43 21.68 -3.65
N LEU B 272 8.51 21.75 -4.43
CA LEU B 272 9.01 23.01 -4.95
C LEU B 272 8.74 23.22 -6.43
N GLY B 273 8.45 22.15 -7.19
CA GLY B 273 8.25 22.27 -8.61
C GLY B 273 6.81 22.60 -8.98
N CYS B 274 6.64 23.02 -10.24
CA CYS B 274 5.33 23.37 -10.76
C CYS B 274 5.15 22.89 -12.20
N PHE B 275 5.75 21.75 -12.54
CA PHE B 275 5.49 21.08 -13.81
C PHE B 275 4.43 20.00 -13.59
N ASN B 276 4.08 19.30 -14.66
CA ASN B 276 3.02 18.31 -14.62
C ASN B 276 3.44 17.04 -15.35
N LEU B 277 4.68 16.61 -15.12
CA LEU B 277 5.21 15.40 -15.75
C LEU B 277 4.94 14.18 -14.88
N THR B 278 4.67 13.05 -15.52
CA THR B 278 4.59 11.78 -14.82
C THR B 278 5.97 11.10 -14.85
N VAL B 279 6.06 9.95 -14.21
CA VAL B 279 7.32 9.19 -14.24
C VAL B 279 7.63 8.74 -15.66
N LYS B 280 6.60 8.36 -16.42
CA LYS B 280 6.81 7.94 -17.80
C LYS B 280 7.32 9.09 -18.66
N GLY B 281 6.69 10.26 -18.54
CA GLY B 281 7.16 11.42 -19.27
C GLY B 281 8.55 11.85 -18.86
N HIS B 282 8.87 11.72 -17.57
CA HIS B 282 10.21 12.01 -17.09
C HIS B 282 11.21 10.99 -17.62
N ALA B 283 10.86 9.70 -17.58
CA ALA B 283 11.78 8.66 -18.01
C ALA B 283 11.92 8.60 -19.52
N LYS B 284 10.99 9.21 -20.28
CA LYS B 284 11.14 9.25 -21.73
C LYS B 284 12.42 9.94 -22.14
N CYS B 285 12.89 10.90 -21.33
CA CYS B 285 14.16 11.56 -21.62
C CYS B 285 15.32 10.56 -21.54
N VAL B 286 15.28 9.65 -20.58
CA VAL B 286 16.31 8.62 -20.48
C VAL B 286 16.26 7.71 -21.69
N GLU B 287 15.05 7.36 -22.14
CA GLU B 287 14.90 6.48 -23.29
C GLU B 287 15.48 7.13 -24.55
N VAL B 288 15.24 8.43 -24.74
CA VAL B 288 15.73 9.12 -25.92
C VAL B 288 17.25 9.18 -25.93
N VAL B 289 17.85 9.49 -24.77
CA VAL B 289 19.31 9.58 -24.70
C VAL B 289 19.95 8.21 -24.93
N LYS B 290 19.27 7.13 -24.54
CA LYS B 290 19.83 5.79 -24.68
C LYS B 290 19.91 5.37 -26.15
N THR B 291 19.03 5.90 -27.00
CA THR B 291 18.98 5.44 -28.39
C THR B 291 20.24 5.81 -29.18
N PHE B 292 21.03 6.76 -28.71
CA PHE B 292 22.22 7.20 -29.41
C PHE B 292 23.46 6.37 -29.06
N ASN B 293 23.34 5.43 -28.12
CA ASN B 293 24.37 4.44 -27.82
C ASN B 293 25.73 5.11 -27.51
N LEU B 294 25.70 5.96 -26.49
CA LEU B 294 26.91 6.60 -26.02
C LEU B 294 27.10 6.32 -24.52
N PRO B 295 28.33 6.32 -24.03
CA PRO B 295 28.55 6.17 -22.58
C PRO B 295 27.80 7.26 -21.82
N LEU B 296 26.88 6.84 -20.96
CA LEU B 296 25.93 7.73 -20.32
C LEU B 296 26.13 7.69 -18.80
N LEU B 297 26.20 8.87 -18.20
CA LEU B 297 26.29 9.03 -16.75
C LEU B 297 24.99 9.64 -16.26
N MET B 298 24.17 8.83 -15.59
CA MET B 298 22.89 9.25 -15.06
C MET B 298 23.04 9.67 -13.61
N LEU B 299 22.62 10.90 -13.30
CA LEU B 299 22.78 11.47 -11.97
C LEU B 299 21.43 11.88 -11.41
N GLY B 300 21.40 12.06 -10.09
CA GLY B 300 20.19 12.49 -9.41
C GLY B 300 19.97 13.98 -9.50
N GLY B 301 19.62 14.61 -8.37
CA GLY B 301 19.40 16.04 -8.35
C GLY B 301 18.19 16.44 -7.52
N GLY B 302 17.36 17.32 -8.06
CA GLY B 302 16.19 17.79 -7.36
C GLY B 302 15.13 16.73 -7.20
N GLY B 303 14.05 17.11 -6.53
CA GLY B 303 12.97 16.20 -6.22
C GLY B 303 12.66 16.21 -4.73
N TYR B 304 11.49 16.74 -4.36
CA TYR B 304 11.22 17.02 -2.95
C TYR B 304 9.85 16.53 -2.50
N THR B 305 9.14 15.77 -3.34
CA THR B 305 8.05 14.91 -2.91
C THR B 305 8.62 13.49 -2.99
N ILE B 306 9.29 13.08 -1.91
CA ILE B 306 10.26 11.98 -1.98
C ILE B 306 9.62 10.65 -2.37
N ARG B 307 8.31 10.49 -2.17
CA ARG B 307 7.68 9.26 -2.62
C ARG B 307 7.67 9.16 -4.15
N ASN B 308 7.58 10.30 -4.84
CA ASN B 308 7.64 10.29 -6.30
C ASN B 308 9.07 10.27 -6.80
N VAL B 309 10.01 10.79 -6.02
CA VAL B 309 11.42 10.68 -6.37
C VAL B 309 11.86 9.23 -6.38
N ALA B 310 11.45 8.46 -5.36
CA ALA B 310 11.74 7.04 -5.34
C ALA B 310 11.09 6.33 -6.52
N ARG B 311 9.86 6.72 -6.86
CA ARG B 311 9.19 6.15 -8.03
C ARG B 311 9.96 6.49 -9.31
N CYS B 312 10.36 7.75 -9.46
CA CYS B 312 10.97 8.19 -10.72
C CYS B 312 12.32 7.52 -10.94
N TRP B 313 13.22 7.62 -9.97
CA TRP B 313 14.57 7.09 -10.14
C TRP B 313 14.60 5.57 -10.17
N THR B 314 13.60 4.91 -9.58
CA THR B 314 13.53 3.45 -9.70
C THR B 314 13.19 3.04 -11.12
N TYR B 315 12.17 3.68 -11.71
CA TYR B 315 11.77 3.33 -13.07
C TYR B 315 12.86 3.70 -14.08
N GLU B 316 13.53 4.84 -13.86
CA GLU B 316 14.60 5.24 -14.76
C GLU B 316 15.81 4.33 -14.65
N THR B 317 16.00 3.69 -13.49
CA THR B 317 17.03 2.66 -13.38
C THR B 317 16.65 1.42 -14.18
N ALA B 318 15.37 1.04 -14.14
CA ALA B 318 14.91 -0.08 -14.95
C ALA B 318 14.98 0.22 -16.43
N VAL B 319 14.78 1.49 -16.81
CA VAL B 319 14.92 1.88 -18.22
C VAL B 319 16.35 1.69 -18.68
N ALA B 320 17.31 2.13 -17.87
CA ALA B 320 18.72 1.96 -18.22
C ALA B 320 19.08 0.49 -18.33
N LEU B 321 18.45 -0.37 -17.53
CA LEU B 321 18.66 -1.81 -17.60
C LEU B 321 17.90 -2.47 -18.73
N ASP B 322 17.17 -1.71 -19.55
CA ASP B 322 16.30 -2.25 -20.59
C ASP B 322 15.33 -3.28 -20.01
N CYS B 323 14.79 -2.96 -18.83
CA CYS B 323 13.89 -3.84 -18.12
C CYS B 323 12.60 -3.11 -17.80
N GLU B 324 11.49 -3.83 -17.85
CA GLU B 324 10.20 -3.29 -17.43
C GLU B 324 9.83 -3.90 -16.08
N ILE B 325 9.27 -3.07 -15.21
CA ILE B 325 8.88 -3.50 -13.87
C ILE B 325 7.38 -3.28 -13.69
N PRO B 326 6.70 -4.10 -12.89
CA PRO B 326 5.24 -3.96 -12.76
C PRO B 326 4.86 -2.67 -12.06
N ASN B 327 3.69 -2.15 -12.42
CA ASN B 327 3.17 -0.94 -11.78
C ASN B 327 2.82 -1.19 -10.33
N GLU B 328 2.44 -2.43 -9.99
CA GLU B 328 2.17 -2.81 -8.61
C GLU B 328 3.47 -2.79 -7.81
N LEU B 329 3.56 -1.89 -6.85
CA LEU B 329 4.78 -1.78 -6.06
C LEU B 329 4.96 -3.01 -5.18
N PRO B 330 6.14 -3.62 -5.16
CA PRO B 330 6.39 -4.70 -4.20
C PRO B 330 6.56 -4.14 -2.80
N TYR B 331 6.47 -5.03 -1.82
CA TYR B 331 6.66 -4.61 -0.44
C TYR B 331 8.09 -4.14 -0.23
N ASN B 332 8.26 -3.09 0.57
CA ASN B 332 9.57 -2.54 0.85
C ASN B 332 9.54 -1.88 2.21
N ASP B 333 10.72 -1.43 2.66
CA ASP B 333 10.85 -0.83 3.99
C ASP B 333 10.04 0.45 4.15
N TYR B 334 9.57 1.04 3.05
CA TYR B 334 8.85 2.31 3.09
C TYR B 334 7.55 2.19 2.31
N PHE B 335 6.88 1.05 2.44
CA PHE B 335 5.67 0.78 1.67
C PHE B 335 4.57 1.77 2.00
N GLU B 336 4.48 2.20 3.26
CA GLU B 336 3.44 3.14 3.65
C GLU B 336 3.60 4.51 3.01
N TYR B 337 4.81 4.85 2.56
CA TYR B 337 5.03 6.14 1.91
C TYR B 337 4.27 6.29 0.61
N PHE B 338 3.91 5.18 -0.03
CA PHE B 338 3.37 5.20 -1.38
C PHE B 338 1.85 5.06 -1.43
N GLY B 339 1.16 5.26 -0.31
CA GLY B 339 -0.28 5.27 -0.31
C GLY B 339 -0.81 6.46 -1.08
N PRO B 340 -2.11 6.44 -1.44
CA PRO B 340 -3.06 5.36 -1.16
C PRO B 340 -3.13 4.30 -2.26
N ASP B 341 -2.44 4.54 -3.37
CA ASP B 341 -2.52 3.64 -4.52
C ASP B 341 -1.46 2.54 -4.49
N PHE B 342 -0.28 2.81 -3.94
CA PHE B 342 0.82 1.86 -3.91
C PHE B 342 1.20 1.40 -5.31
N LYS B 343 1.19 2.34 -6.25
CA LYS B 343 1.59 2.09 -7.63
C LYS B 343 2.91 2.78 -7.93
N LEU B 344 3.60 2.29 -8.97
CA LEU B 344 4.87 2.87 -9.36
C LEU B 344 4.67 4.18 -10.13
N HIS B 345 3.70 4.22 -11.03
CA HIS B 345 3.49 5.39 -11.86
C HIS B 345 2.43 6.30 -11.25
N ILE B 346 2.52 7.58 -11.62
CA ILE B 346 1.63 8.61 -11.06
C ILE B 346 0.79 9.21 -12.16
N SER B 347 -0.30 9.85 -11.76
CA SER B 347 -1.18 10.55 -12.68
C SER B 347 -0.92 12.05 -12.64
N PRO B 348 -1.08 12.74 -13.76
CA PRO B 348 -0.91 14.19 -13.76
C PRO B 348 -2.07 14.88 -13.06
N SER B 349 -1.83 16.13 -12.67
CA SER B 349 -2.84 16.94 -12.02
C SER B 349 -3.65 17.70 -13.07
N ASN B 350 -4.61 18.49 -12.60
CA ASN B 350 -5.47 19.28 -13.48
C ASN B 350 -4.94 20.68 -13.72
N MET B 351 -3.67 20.94 -13.41
CA MET B 351 -3.12 22.27 -13.58
C MET B 351 -3.01 22.63 -15.05
N THR B 352 -3.13 23.92 -15.35
CA THR B 352 -3.11 24.38 -16.73
C THR B 352 -1.69 24.37 -17.27
N ASN B 353 -1.53 23.83 -18.48
CA ASN B 353 -0.24 23.86 -19.17
C ASN B 353 -0.09 25.22 -19.83
N GLN B 354 0.64 26.11 -19.17
CA GLN B 354 0.84 27.47 -19.69
C GLN B 354 1.78 27.50 -20.89
N ASN B 355 2.30 26.36 -21.33
CA ASN B 355 3.18 26.30 -22.50
C ASN B 355 2.32 25.97 -23.71
N THR B 356 1.89 27.02 -24.42
CA THR B 356 1.06 26.82 -25.59
C THR B 356 1.84 26.11 -26.69
N PRO B 357 1.17 25.40 -27.60
CA PRO B 357 1.90 24.75 -28.70
C PRO B 357 2.72 25.71 -29.52
N GLU B 358 2.24 26.95 -29.73
CA GLU B 358 2.98 27.91 -30.53
C GLU B 358 4.22 28.40 -29.78
N TYR B 359 4.12 28.57 -28.47
CA TYR B 359 5.28 28.99 -27.68
C TYR B 359 6.38 27.93 -27.72
N MET B 360 6.01 26.66 -27.49
CA MET B 360 7.00 25.60 -27.51
CA MET B 360 6.99 25.59 -27.51
C MET B 360 7.71 25.51 -28.86
N GLU B 361 6.95 25.61 -29.95
CA GLU B 361 7.57 25.52 -31.27
C GLU B 361 8.41 26.74 -31.58
N LYS B 362 7.93 27.93 -31.19
CA LYS B 362 8.68 29.15 -31.45
C LYS B 362 10.02 29.15 -30.71
N ILE B 363 10.02 28.70 -29.46
CA ILE B 363 11.28 28.55 -28.72
C ILE B 363 12.15 27.49 -29.40
N LYS B 364 11.53 26.43 -29.93
CA LYS B 364 12.28 25.38 -30.61
C LYS B 364 12.93 25.91 -31.89
N GLN B 365 12.26 26.82 -32.60
CA GLN B 365 12.83 27.36 -33.82
C GLN B 365 14.11 28.15 -33.52
N ARG B 366 14.09 28.98 -32.48
CA ARG B 366 15.26 29.78 -32.15
C ARG B 366 16.42 28.91 -31.68
N LEU B 367 16.12 27.83 -30.97
CA LEU B 367 17.19 26.93 -30.55
C LEU B 367 17.78 26.17 -31.73
N PHE B 368 16.94 25.78 -32.70
CA PHE B 368 17.47 25.17 -33.91
C PHE B 368 18.35 26.16 -34.68
N GLU B 369 17.98 27.44 -34.67
CA GLU B 369 18.79 28.45 -35.36
C GLU B 369 20.15 28.60 -34.70
N ASN B 370 20.21 28.50 -33.37
CA ASN B 370 21.50 28.56 -32.68
C ASN B 370 22.32 27.30 -32.94
N LEU B 371 21.66 26.14 -33.04
CA LEU B 371 22.39 24.90 -33.26
C LEU B 371 22.94 24.84 -34.68
N ARG B 372 22.34 25.54 -35.63
CA ARG B 372 22.86 25.58 -36.99
C ARG B 372 24.16 26.38 -37.10
N MET B 373 24.55 27.09 -36.06
CA MET B 373 25.76 27.90 -36.06
C MET B 373 27.01 27.10 -35.68
N LEU B 374 26.91 25.78 -35.61
CA LEU B 374 28.08 24.97 -35.24
C LEU B 374 28.83 24.55 -36.49
N PRO B 375 30.17 24.68 -36.51
CA PRO B 375 30.98 24.27 -37.66
C PRO B 375 31.12 22.76 -37.77
N LYS C 11 -26.92 18.39 -21.47
CA LYS C 11 -26.03 17.68 -22.38
C LYS C 11 -25.77 16.26 -21.90
N VAL C 12 -26.00 15.28 -22.78
CA VAL C 12 -25.81 13.87 -22.47
C VAL C 12 -24.95 13.25 -23.56
N CYS C 13 -23.85 12.61 -23.17
CA CYS C 13 -22.98 11.91 -24.09
C CYS C 13 -23.19 10.40 -23.92
N TYR C 14 -23.30 9.71 -25.05
CA TYR C 14 -23.58 8.28 -25.08
C TYR C 14 -22.37 7.53 -25.63
N TYR C 15 -22.06 6.39 -25.02
CA TYR C 15 -20.90 5.59 -25.41
C TYR C 15 -21.36 4.17 -25.71
N TYR C 16 -21.07 3.68 -26.91
CA TYR C 16 -21.49 2.36 -27.33
C TYR C 16 -20.60 1.90 -28.48
N ASP C 17 -20.20 0.63 -28.43
CA ASP C 17 -19.43 0.00 -29.50
C ASP C 17 -20.26 -1.14 -30.06
N GLY C 18 -20.36 -1.19 -31.40
CA GLY C 18 -21.16 -2.21 -32.06
C GLY C 18 -20.69 -3.63 -31.84
N ASP C 19 -19.50 -3.82 -31.28
CA ASP C 19 -18.98 -5.16 -31.03
C ASP C 19 -19.29 -5.67 -29.63
N ILE C 20 -19.91 -4.85 -28.77
CA ILE C 20 -20.14 -5.26 -27.39
C ILE C 20 -21.19 -6.36 -27.28
N GLY C 21 -22.06 -6.49 -28.28
CA GLY C 21 -23.09 -7.51 -28.28
C GLY C 21 -22.67 -8.85 -28.83
N ASN C 22 -21.42 -8.98 -29.27
CA ASN C 22 -20.93 -10.23 -29.84
C ASN C 22 -20.16 -11.09 -28.84
N TYR C 23 -19.75 -10.53 -27.71
CA TYR C 23 -19.05 -11.31 -26.70
C TYR C 23 -20.02 -12.22 -25.97
N TYR C 24 -19.59 -13.45 -25.73
CA TYR C 24 -20.44 -14.50 -25.18
C TYR C 24 -19.74 -15.14 -23.99
N TYR C 25 -20.42 -15.14 -22.84
CA TYR C 25 -19.85 -15.73 -21.63
C TYR C 25 -19.87 -17.26 -21.68
N GLY C 26 -20.92 -17.83 -22.23
CA GLY C 26 -21.05 -19.28 -22.29
C GLY C 26 -22.50 -19.70 -22.39
N GLN C 27 -22.69 -20.93 -22.82
CA GLN C 27 -24.03 -21.49 -23.01
C GLN C 27 -24.70 -21.65 -21.65
N GLY C 28 -25.73 -20.85 -21.40
CA GLY C 28 -26.47 -20.89 -20.15
C GLY C 28 -26.05 -19.86 -19.13
N HIS C 29 -24.97 -19.13 -19.38
CA HIS C 29 -24.51 -18.13 -18.43
C HIS C 29 -25.50 -16.95 -18.39
N PRO C 30 -25.85 -16.46 -17.19
CA PRO C 30 -26.85 -15.40 -17.12
C PRO C 30 -26.38 -14.07 -17.68
N MET C 31 -25.09 -13.77 -17.62
CA MET C 31 -24.57 -12.51 -18.15
C MET C 31 -24.57 -12.57 -19.66
N LYS C 32 -25.38 -11.73 -20.29
CA LYS C 32 -25.52 -11.69 -21.75
C LYS C 32 -25.18 -10.29 -22.25
N PRO C 33 -23.96 -10.05 -22.74
CA PRO C 33 -23.63 -8.71 -23.26
C PRO C 33 -24.50 -8.28 -24.43
N HIS C 34 -25.32 -9.16 -24.98
CA HIS C 34 -26.25 -8.79 -26.03
C HIS C 34 -27.32 -7.81 -25.54
N ARG C 35 -27.56 -7.74 -24.23
CA ARG C 35 -28.54 -6.81 -23.69
C ARG C 35 -28.16 -5.37 -23.99
N ILE C 36 -26.86 -5.09 -24.14
CA ILE C 36 -26.42 -3.74 -24.45
C ILE C 36 -26.81 -3.37 -25.88
N ARG C 37 -26.72 -4.33 -26.81
CA ARG C 37 -27.16 -4.08 -28.17
C ARG C 37 -28.68 -3.95 -28.25
N MET C 38 -29.41 -4.77 -27.48
CA MET C 38 -30.85 -4.63 -27.40
C MET C 38 -31.24 -3.28 -26.80
N THR C 39 -30.49 -2.85 -25.78
CA THR C 39 -30.74 -1.52 -25.20
C THR C 39 -30.45 -0.42 -26.22
N HIS C 40 -29.31 -0.53 -26.91
CA HIS C 40 -28.94 0.47 -27.91
C HIS C 40 -29.96 0.53 -29.04
N ASN C 41 -30.33 -0.62 -29.59
CA ASN C 41 -31.26 -0.64 -30.71
C ASN C 41 -32.66 -0.17 -30.29
N LEU C 42 -33.03 -0.38 -29.03
CA LEU C 42 -34.35 0.05 -28.57
C LEU C 42 -34.42 1.56 -28.43
N LEU C 43 -33.39 2.18 -27.85
CA LEU C 43 -33.39 3.63 -27.71
C LEU C 43 -33.09 4.33 -29.03
N LEU C 44 -32.54 3.61 -30.02
CA LEU C 44 -32.35 4.20 -31.33
C LEU C 44 -33.68 4.45 -32.02
N ASN C 45 -34.59 3.46 -31.98
CA ASN C 45 -35.88 3.60 -32.63
C ASN C 45 -36.81 4.54 -31.87
N TYR C 46 -36.51 4.84 -30.61
CA TYR C 46 -37.29 5.82 -29.86
C TYR C 46 -36.99 7.25 -30.26
N GLY C 47 -35.98 7.47 -31.11
CA GLY C 47 -35.61 8.80 -31.53
C GLY C 47 -34.71 9.56 -30.59
N LEU C 48 -34.14 8.89 -29.59
CA LEU C 48 -33.28 9.54 -28.60
C LEU C 48 -31.86 9.76 -29.11
N TYR C 49 -31.53 9.31 -30.31
CA TYR C 49 -30.17 9.42 -30.81
C TYR C 49 -29.83 10.83 -31.30
N ARG C 50 -30.82 11.61 -31.68
CA ARG C 50 -30.60 12.99 -32.13
C ARG C 50 -30.80 14.01 -31.02
N LYS C 51 -30.95 13.56 -29.78
CA LYS C 51 -30.97 14.44 -28.62
C LYS C 51 -29.79 14.20 -27.70
N MET C 52 -28.79 13.45 -28.15
CA MET C 52 -27.59 13.19 -27.37
C MET C 52 -26.47 12.81 -28.32
N GLU C 53 -25.23 13.07 -27.90
CA GLU C 53 -24.06 12.77 -28.70
C GLU C 53 -23.58 11.35 -28.40
N ILE C 54 -23.48 10.53 -29.44
CA ILE C 54 -23.08 9.13 -29.31
C ILE C 54 -21.64 8.99 -29.78
N TYR C 55 -20.75 8.63 -28.87
CA TYR C 55 -19.34 8.44 -29.17
C TYR C 55 -18.99 6.96 -29.13
N ARG C 56 -18.01 6.57 -29.95
CA ARG C 56 -17.51 5.21 -29.96
C ARG C 56 -16.37 5.09 -28.95
N PRO C 57 -16.52 4.28 -27.91
CA PRO C 57 -15.50 4.25 -26.85
C PRO C 57 -14.21 3.59 -27.32
N HIS C 58 -13.09 4.20 -26.95
CA HIS C 58 -11.79 3.62 -27.22
C HIS C 58 -11.53 2.44 -26.29
N LYS C 59 -10.61 1.57 -26.71
CA LYS C 59 -10.22 0.42 -25.90
C LYS C 59 -9.25 0.88 -24.82
N ALA C 60 -9.61 0.65 -23.56
CA ALA C 60 -8.73 1.00 -22.44
C ALA C 60 -7.52 0.07 -22.44
N THR C 61 -6.34 0.66 -22.51
CA THR C 61 -5.11 -0.13 -22.56
C THR C 61 -4.88 -0.84 -21.23
N ALA C 62 -3.99 -1.84 -21.26
CA ALA C 62 -3.63 -2.55 -20.05
C ALA C 62 -2.85 -1.66 -19.08
N GLU C 63 -2.21 -0.61 -19.57
CA GLU C 63 -1.49 0.30 -18.69
C GLU C 63 -2.45 1.07 -17.78
N GLU C 64 -3.56 1.57 -18.34
CA GLU C 64 -4.54 2.27 -17.53
C GLU C 64 -5.28 1.33 -16.58
N MET C 65 -5.44 0.06 -16.99
CA MET C 65 -6.05 -0.92 -16.10
C MET C 65 -5.20 -1.16 -14.86
N THR C 66 -3.87 -1.07 -15.00
CA THR C 66 -2.96 -1.26 -13.88
C THR C 66 -2.86 -0.04 -12.98
N LYS C 67 -3.63 1.02 -13.26
CA LYS C 67 -3.73 2.12 -12.31
C LYS C 67 -4.39 1.68 -11.01
N TYR C 68 -5.20 0.63 -11.05
CA TYR C 68 -5.83 0.08 -9.86
C TYR C 68 -5.58 -1.42 -9.75
N HIS C 69 -5.79 -2.15 -10.84
CA HIS C 69 -5.59 -3.58 -10.83
C HIS C 69 -4.10 -3.92 -10.82
N SER C 70 -3.79 -5.14 -10.38
CA SER C 70 -2.42 -5.59 -10.31
C SER C 70 -1.92 -6.04 -11.69
N ASP C 71 -0.60 -6.04 -11.85
CA ASP C 71 -0.01 -6.38 -13.13
C ASP C 71 -0.16 -7.86 -13.45
N GLU C 72 0.01 -8.73 -12.45
CA GLU C 72 -0.12 -10.17 -12.70
C GLU C 72 -1.55 -10.55 -13.07
N TYR C 73 -2.54 -9.87 -12.48
CA TYR C 73 -3.93 -10.15 -12.79
C TYR C 73 -4.33 -9.61 -14.16
N ILE C 74 -3.77 -8.46 -14.56
CA ILE C 74 -4.10 -7.90 -15.87
C ILE C 74 -3.41 -8.71 -16.98
N LYS C 75 -2.15 -9.10 -16.76
CA LYS C 75 -1.47 -9.94 -17.74
C LYS C 75 -2.13 -11.31 -17.85
N PHE C 76 -2.70 -11.81 -16.76
CA PHE C 76 -3.43 -13.07 -16.82
C PHE C 76 -4.65 -12.94 -17.73
N LEU C 77 -5.46 -11.89 -17.52
CA LEU C 77 -6.64 -11.68 -18.36
C LEU C 77 -6.24 -11.43 -19.81
N ARG C 78 -5.04 -10.89 -20.05
CA ARG C 78 -4.59 -10.64 -21.41
C ARG C 78 -4.22 -11.94 -22.12
N SER C 79 -3.58 -12.88 -21.41
CA SER C 79 -3.05 -14.08 -22.03
C SER C 79 -3.92 -15.32 -21.82
N ILE C 80 -5.00 -15.22 -21.05
CA ILE C 80 -5.85 -16.38 -20.80
C ILE C 80 -6.69 -16.66 -22.04
N ARG C 81 -6.76 -17.93 -22.44
CA ARG C 81 -7.50 -18.37 -23.60
C ARG C 81 -8.25 -19.64 -23.25
N PRO C 82 -9.41 -19.87 -23.89
CA PRO C 82 -10.17 -21.10 -23.60
C PRO C 82 -9.46 -22.38 -24.02
N ASP C 83 -8.41 -22.30 -24.83
CA ASP C 83 -7.69 -23.48 -25.27
C ASP C 83 -6.49 -23.81 -24.40
N ASN C 84 -5.90 -22.81 -23.74
CA ASN C 84 -4.74 -23.02 -22.89
C ASN C 84 -5.09 -22.93 -21.40
N MET C 85 -6.33 -23.27 -21.05
CA MET C 85 -6.75 -23.24 -19.66
C MET C 85 -6.06 -24.31 -18.82
N SER C 86 -5.51 -25.35 -19.44
CA SER C 86 -4.88 -26.41 -18.68
C SER C 86 -3.55 -25.97 -18.09
N GLU C 87 -2.86 -25.03 -18.74
CA GLU C 87 -1.57 -24.54 -18.26
C GLU C 87 -1.69 -23.32 -17.35
N TYR C 88 -2.93 -22.92 -17.01
CA TYR C 88 -3.18 -21.80 -16.12
C TYR C 88 -4.02 -22.23 -14.92
N SER C 89 -3.75 -23.43 -14.40
CA SER C 89 -4.58 -23.96 -13.32
C SER C 89 -4.42 -23.17 -12.04
N LYS C 90 -3.17 -22.90 -11.63
CA LYS C 90 -2.95 -22.24 -10.34
C LYS C 90 -3.29 -20.76 -10.39
N GLN C 91 -3.17 -20.12 -11.56
CA GLN C 91 -3.52 -18.72 -11.66
C GLN C 91 -5.02 -18.50 -11.80
N MET C 92 -5.74 -19.45 -12.38
CA MET C 92 -7.20 -19.36 -12.44
C MET C 92 -7.81 -19.40 -11.05
N GLN C 93 -7.22 -20.18 -10.15
CA GLN C 93 -7.67 -20.20 -8.76
C GLN C 93 -7.23 -18.94 -8.02
N ARG C 94 -6.06 -18.41 -8.35
CA ARG C 94 -5.57 -17.20 -7.68
C ARG C 94 -6.45 -16.00 -8.00
N PHE C 95 -6.90 -15.89 -9.24
CA PHE C 95 -7.66 -14.73 -9.71
C PHE C 95 -9.15 -15.01 -9.82
N ASN C 96 -9.61 -16.22 -9.47
CA ASN C 96 -11.02 -16.59 -9.49
C ASN C 96 -11.64 -16.39 -10.87
N VAL C 97 -11.02 -17.02 -11.86
CA VAL C 97 -11.48 -16.95 -13.24
C VAL C 97 -11.62 -18.37 -13.76
N GLY C 98 -12.79 -18.68 -14.32
CA GLY C 98 -13.01 -20.00 -14.90
C GLY C 98 -14.38 -20.58 -14.65
N GLU C 99 -14.90 -20.43 -13.43
CA GLU C 99 -16.19 -21.01 -13.08
C GLU C 99 -17.28 -19.95 -13.14
N ASP C 100 -17.48 -19.22 -12.04
CA ASP C 100 -18.47 -18.16 -12.03
C ASP C 100 -18.09 -17.03 -12.98
N CYS C 101 -16.79 -16.77 -13.13
CA CYS C 101 -16.28 -15.83 -14.13
C CYS C 101 -15.51 -16.62 -15.18
N PRO C 102 -16.20 -17.18 -16.18
CA PRO C 102 -15.55 -18.12 -17.09
C PRO C 102 -14.61 -17.42 -18.06
N VAL C 103 -13.84 -18.25 -18.78
CA VAL C 103 -12.92 -17.79 -19.81
C VAL C 103 -13.61 -17.94 -21.17
N PHE C 104 -13.56 -16.89 -21.98
CA PHE C 104 -14.16 -16.93 -23.31
C PHE C 104 -13.33 -16.06 -24.24
N ASP C 105 -13.55 -16.26 -25.54
CA ASP C 105 -12.85 -15.48 -26.56
C ASP C 105 -13.27 -14.02 -26.49
N GLY C 106 -12.28 -13.13 -26.58
CA GLY C 106 -12.54 -11.71 -26.46
C GLY C 106 -12.78 -11.24 -25.05
N LEU C 107 -12.29 -11.98 -24.05
CA LEU C 107 -12.48 -11.58 -22.66
C LEU C 107 -11.81 -10.24 -22.36
N PHE C 108 -10.52 -10.12 -22.72
CA PHE C 108 -9.80 -8.88 -22.47
C PHE C 108 -10.32 -7.75 -23.35
N GLU C 109 -10.75 -8.06 -24.58
CA GLU C 109 -11.33 -7.03 -25.44
C GLU C 109 -12.62 -6.49 -24.86
N PHE C 110 -13.45 -7.37 -24.28
CA PHE C 110 -14.66 -6.92 -23.61
C PHE C 110 -14.35 -6.00 -22.44
N CYS C 111 -13.26 -6.28 -21.73
CA CYS C 111 -12.86 -5.43 -20.62
C CYS C 111 -12.31 -4.09 -21.10
N GLN C 112 -11.75 -4.05 -22.30
CA GLN C 112 -11.25 -2.79 -22.83
C GLN C 112 -12.38 -1.87 -23.26
N LEU C 113 -13.42 -2.43 -23.89
CA LEU C 113 -14.54 -1.60 -24.34
C LEU C 113 -15.43 -1.18 -23.18
N SER C 114 -15.59 -2.06 -22.18
CA SER C 114 -16.39 -1.71 -21.01
C SER C 114 -15.70 -0.63 -20.18
N THR C 115 -14.41 -0.81 -19.91
CA THR C 115 -13.68 0.20 -19.15
C THR C 115 -13.45 1.46 -19.96
N GLY C 116 -13.11 1.31 -21.24
CA GLY C 116 -12.85 2.47 -22.08
C GLY C 116 -14.04 3.39 -22.20
N GLY C 117 -15.26 2.86 -22.13
CA GLY C 117 -16.43 3.71 -22.19
C GLY C 117 -16.65 4.48 -20.90
N SER C 118 -16.33 3.88 -19.76
CA SER C 118 -16.54 4.55 -18.48
C SER C 118 -15.50 5.65 -18.26
N VAL C 119 -14.24 5.39 -18.62
CA VAL C 119 -13.21 6.40 -18.41
C VAL C 119 -13.31 7.51 -19.46
N ALA C 120 -13.87 7.22 -20.63
CA ALA C 120 -14.08 8.26 -21.62
C ALA C 120 -15.18 9.22 -21.18
N GLY C 121 -16.23 8.70 -20.54
CA GLY C 121 -17.24 9.56 -19.97
C GLY C 121 -16.73 10.37 -18.80
N ALA C 122 -15.78 9.82 -18.06
CA ALA C 122 -15.16 10.57 -16.97
C ALA C 122 -14.29 11.69 -17.49
N VAL C 123 -13.51 11.42 -18.55
CA VAL C 123 -12.71 12.47 -19.18
C VAL C 123 -13.61 13.53 -19.80
N LYS C 124 -14.71 13.10 -20.42
CA LYS C 124 -15.64 14.06 -21.00
C LYS C 124 -16.31 14.92 -19.94
N LEU C 125 -16.55 14.35 -18.76
CA LEU C 125 -17.10 15.13 -17.66
C LEU C 125 -16.06 16.03 -17.01
N ASN C 126 -14.79 15.62 -17.01
CA ASN C 126 -13.76 16.43 -16.39
C ASN C 126 -13.45 17.69 -17.20
N ARG C 127 -13.54 17.61 -18.51
CA ARG C 127 -13.24 18.77 -19.37
C ARG C 127 -14.43 19.69 -19.54
N GLN C 128 -15.46 19.56 -18.70
CA GLN C 128 -16.63 20.45 -18.73
C GLN C 128 -17.33 20.45 -20.09
N GLN C 129 -17.21 19.34 -20.83
CA GLN C 129 -17.79 19.23 -22.15
C GLN C 129 -19.11 18.48 -22.17
N THR C 130 -19.62 18.07 -21.01
CA THR C 130 -20.90 17.40 -20.92
C THR C 130 -21.38 17.46 -19.48
N ASP C 131 -22.71 17.36 -19.32
CA ASP C 131 -23.31 17.32 -17.99
C ASP C 131 -23.66 15.90 -17.56
N MET C 132 -23.81 14.97 -18.50
CA MET C 132 -24.11 13.57 -18.20
C MET C 132 -23.44 12.68 -19.23
N ALA C 133 -22.87 11.58 -18.77
CA ALA C 133 -22.24 10.59 -19.63
C ALA C 133 -22.79 9.21 -19.28
N VAL C 134 -23.10 8.44 -20.31
CA VAL C 134 -23.75 7.14 -20.16
C VAL C 134 -22.89 6.07 -20.81
N ASN C 135 -22.71 4.95 -20.11
CA ASN C 135 -21.98 3.79 -20.65
C ASN C 135 -22.62 2.54 -20.04
N TRP C 136 -23.62 2.02 -20.76
CA TRP C 136 -24.33 0.83 -20.27
C TRP C 136 -23.47 -0.41 -20.30
N ALA C 137 -22.37 -0.41 -21.06
CA ALA C 137 -21.47 -1.56 -21.08
C ALA C 137 -20.68 -1.70 -19.79
N GLY C 138 -20.54 -0.62 -19.03
CA GLY C 138 -19.81 -0.63 -17.78
C GLY C 138 -20.67 -0.98 -16.60
N GLY C 139 -20.26 -0.51 -15.43
CA GLY C 139 -20.96 -0.80 -14.20
C GLY C 139 -20.56 -2.08 -13.51
N LEU C 140 -19.42 -2.66 -13.89
CA LEU C 140 -18.95 -3.92 -13.31
C LEU C 140 -18.30 -3.61 -11.96
N HIS C 141 -19.10 -3.72 -10.90
CA HIS C 141 -18.73 -3.25 -9.57
C HIS C 141 -18.25 -4.36 -8.64
N HIS C 142 -17.98 -5.56 -9.17
CA HIS C 142 -17.53 -6.67 -8.34
C HIS C 142 -16.07 -7.02 -8.52
N ALA C 143 -15.39 -6.44 -9.50
CA ALA C 143 -13.99 -6.80 -9.75
C ALA C 143 -13.09 -6.17 -8.70
N LYS C 144 -12.15 -6.97 -8.18
CA LYS C 144 -11.20 -6.50 -7.19
C LYS C 144 -9.88 -6.14 -7.86
N LYS C 145 -8.89 -5.77 -7.04
CA LYS C 145 -7.59 -5.38 -7.57
C LYS C 145 -6.92 -6.54 -8.31
N SER C 146 -7.02 -7.75 -7.75
CA SER C 146 -6.33 -8.91 -8.30
C SER C 146 -7.22 -10.14 -8.23
N GLU C 147 -8.51 -9.96 -8.51
CA GLU C 147 -9.45 -11.08 -8.45
C GLU C 147 -10.71 -10.72 -9.24
N ALA C 148 -11.21 -11.68 -10.00
CA ALA C 148 -12.48 -11.53 -10.69
C ALA C 148 -13.60 -12.08 -9.83
N SER C 149 -14.76 -11.42 -9.87
CA SER C 149 -15.88 -11.83 -9.05
C SER C 149 -17.16 -11.26 -9.65
N GLY C 150 -18.26 -11.98 -9.40
CA GLY C 150 -19.58 -11.54 -9.82
C GLY C 150 -19.69 -11.17 -11.28
N PHE C 151 -19.19 -12.04 -12.16
CA PHE C 151 -19.19 -11.85 -13.61
C PHE C 151 -18.38 -10.63 -14.05
N CYS C 152 -17.58 -10.07 -13.15
CA CYS C 152 -16.76 -8.89 -13.45
C CYS C 152 -15.29 -9.27 -13.46
N TYR C 153 -14.53 -8.60 -14.32
CA TYR C 153 -13.10 -8.85 -14.46
C TYR C 153 -12.27 -7.60 -14.23
N VAL C 154 -12.64 -6.48 -14.86
CA VAL C 154 -11.99 -5.20 -14.67
C VAL C 154 -13.03 -4.22 -14.14
N ASN C 155 -12.75 -3.62 -12.99
CA ASN C 155 -13.68 -2.69 -12.37
C ASN C 155 -13.57 -1.35 -13.10
N ASP C 156 -14.48 -1.12 -14.05
CA ASP C 156 -14.45 0.13 -14.81
C ASP C 156 -14.84 1.32 -13.95
N ILE C 157 -15.65 1.10 -12.92
CA ILE C 157 -16.12 2.21 -12.09
C ILE C 157 -14.96 2.82 -11.31
N VAL C 158 -14.12 1.98 -10.71
CA VAL C 158 -12.99 2.48 -9.93
C VAL C 158 -12.02 3.23 -10.82
N LEU C 159 -11.75 2.70 -12.02
CA LEU C 159 -10.86 3.39 -12.95
C LEU C 159 -11.47 4.69 -13.45
N ALA C 160 -12.80 4.76 -13.56
CA ALA C 160 -13.45 6.00 -13.97
C ALA C 160 -13.50 7.01 -12.84
N ILE C 161 -13.65 6.56 -11.59
CA ILE C 161 -13.66 7.48 -10.46
C ILE C 161 -12.27 8.05 -10.22
N LEU C 162 -11.23 7.22 -10.40
CA LEU C 162 -9.87 7.72 -10.30
C LEU C 162 -9.59 8.81 -11.34
N GLU C 163 -10.22 8.70 -12.52
CA GLU C 163 -10.10 9.77 -13.51
C GLU C 163 -10.84 11.02 -13.07
N LEU C 164 -12.00 10.85 -12.45
CA LEU C 164 -12.77 11.99 -11.96
C LEU C 164 -12.10 12.70 -10.79
N LEU C 165 -11.27 11.98 -10.03
CA LEU C 165 -10.60 12.59 -8.88
C LEU C 165 -9.51 13.58 -9.29
N LYS C 166 -9.08 13.57 -10.54
CA LYS C 166 -8.10 14.55 -11.00
C LYS C 166 -8.69 15.96 -11.01
N TYR C 167 -9.99 16.09 -11.23
CA TYR C 167 -10.65 17.38 -11.28
C TYR C 167 -11.67 17.59 -10.17
N HIS C 168 -12.16 16.52 -9.55
CA HIS C 168 -13.16 16.60 -8.49
C HIS C 168 -12.55 16.14 -7.18
N GLN C 169 -12.79 16.90 -6.11
CA GLN C 169 -12.29 16.52 -4.80
C GLN C 169 -13.19 15.51 -4.11
N ARG C 170 -14.49 15.56 -4.39
CA ARG C 170 -15.47 14.66 -3.78
C ARG C 170 -16.32 14.05 -4.87
N VAL C 171 -16.33 12.72 -4.93
CA VAL C 171 -17.12 11.97 -5.91
C VAL C 171 -18.06 11.04 -5.15
N LEU C 172 -19.35 11.10 -5.48
CA LEU C 172 -20.36 10.29 -4.85
C LEU C 172 -20.68 9.10 -5.73
N TYR C 173 -20.75 7.90 -5.14
CA TYR C 173 -21.06 6.68 -5.86
C TYR C 173 -22.35 6.10 -5.31
N ILE C 174 -23.33 5.89 -6.18
CA ILE C 174 -24.60 5.26 -5.83
C ILE C 174 -24.70 3.95 -6.59
N ASP C 175 -25.19 2.91 -5.92
CA ASP C 175 -25.30 1.57 -6.49
C ASP C 175 -26.68 1.02 -6.18
N ILE C 176 -27.57 1.05 -7.19
CA ILE C 176 -28.92 0.53 -7.05
C ILE C 176 -29.02 -0.92 -7.56
N ASP C 177 -27.90 -1.54 -7.90
CA ASP C 177 -27.88 -2.96 -8.22
C ASP C 177 -28.29 -3.77 -6.99
N ILE C 178 -28.99 -4.89 -7.22
CA ILE C 178 -29.44 -5.72 -6.11
C ILE C 178 -28.27 -6.36 -5.38
N HIS C 179 -27.12 -6.51 -6.02
CA HIS C 179 -25.93 -7.00 -5.37
C HIS C 179 -25.10 -5.85 -4.83
N HIS C 180 -24.43 -6.09 -3.71
CA HIS C 180 -23.63 -5.06 -3.07
C HIS C 180 -22.40 -4.74 -3.89
N GLY C 181 -22.15 -3.45 -4.11
CA GLY C 181 -20.97 -3.02 -4.84
C GLY C 181 -19.72 -3.06 -3.98
N ASP C 182 -19.28 -4.27 -3.62
CA ASP C 182 -18.13 -4.41 -2.74
C ASP C 182 -16.83 -4.05 -3.43
N GLY C 183 -16.76 -4.14 -4.76
CA GLY C 183 -15.54 -3.78 -5.45
C GLY C 183 -15.28 -2.29 -5.40
N VAL C 184 -16.31 -1.47 -5.65
CA VAL C 184 -16.13 -0.02 -5.60
C VAL C 184 -16.00 0.45 -4.16
N GLU C 185 -16.67 -0.22 -3.22
CA GLU C 185 -16.57 0.16 -1.81
C GLU C 185 -15.18 -0.13 -1.26
N GLU C 186 -14.64 -1.32 -1.56
CA GLU C 186 -13.33 -1.70 -1.05
C GLU C 186 -12.22 -0.80 -1.60
N ALA C 187 -12.36 -0.34 -2.84
CA ALA C 187 -11.33 0.50 -3.45
C ALA C 187 -11.19 1.83 -2.71
N PHE C 188 -12.31 2.41 -2.30
CA PHE C 188 -12.33 3.71 -1.63
C PHE C 188 -12.84 3.59 -0.21
N TYR C 189 -12.48 2.49 0.47
CA TYR C 189 -12.98 2.22 1.81
C TYR C 189 -12.28 3.05 2.88
N THR C 190 -11.07 3.54 2.62
CA THR C 190 -10.30 4.27 3.61
C THR C 190 -10.05 5.72 3.20
N THR C 191 -10.85 6.25 2.26
CA THR C 191 -10.72 7.63 1.84
C THR C 191 -12.08 8.31 1.89
N ASP C 192 -12.05 9.62 2.14
CA ASP C 192 -13.25 10.43 2.19
C ASP C 192 -13.49 11.21 0.91
N ARG C 193 -12.55 11.16 -0.04
CA ARG C 193 -12.73 11.82 -1.33
C ARG C 193 -13.73 11.08 -2.21
N VAL C 194 -14.03 9.82 -1.90
CA VAL C 194 -15.02 9.03 -2.64
C VAL C 194 -15.94 8.39 -1.61
N MET C 195 -17.24 8.64 -1.72
CA MET C 195 -18.23 8.10 -0.81
C MET C 195 -19.15 7.15 -1.58
N THR C 196 -19.28 5.93 -1.08
CA THR C 196 -20.06 4.89 -1.74
C THR C 196 -21.35 4.65 -0.97
N VAL C 197 -22.47 4.57 -1.70
CA VAL C 197 -23.77 4.26 -1.14
C VAL C 197 -24.36 3.12 -1.95
N SER C 198 -24.60 1.97 -1.31
CA SER C 198 -25.04 0.77 -2.00
C SER C 198 -26.35 0.29 -1.38
N PHE C 199 -27.41 0.26 -2.20
CA PHE C 199 -28.67 -0.35 -1.83
C PHE C 199 -28.72 -1.74 -2.43
N HIS C 200 -28.78 -2.75 -1.58
CA HIS C 200 -28.61 -4.13 -2.03
C HIS C 200 -29.40 -5.07 -1.12
N LYS C 201 -29.52 -6.32 -1.58
CA LYS C 201 -30.16 -7.37 -0.80
C LYS C 201 -29.10 -8.09 0.03
N TYR C 202 -29.34 -8.19 1.33
CA TYR C 202 -28.38 -8.78 2.27
C TYR C 202 -28.99 -9.99 2.94
N GLY C 203 -28.15 -10.99 3.20
CA GLY C 203 -28.61 -12.23 3.82
C GLY C 203 -28.54 -13.41 2.88
N GLU C 204 -27.57 -14.31 3.13
CA GLU C 204 -27.28 -15.48 2.30
C GLU C 204 -27.45 -15.18 0.81
N TYR C 205 -26.70 -14.17 0.37
CA TYR C 205 -26.80 -13.68 -0.99
C TYR C 205 -25.45 -13.09 -1.41
N PHE C 206 -25.16 -13.18 -2.71
CA PHE C 206 -23.90 -12.68 -3.22
C PHE C 206 -23.84 -11.17 -3.05
N PRO C 207 -22.66 -10.60 -2.70
CA PRO C 207 -21.40 -11.31 -2.44
C PRO C 207 -21.20 -11.66 -0.97
N GLY C 208 -22.22 -11.43 -0.14
CA GLY C 208 -22.11 -11.67 1.28
C GLY C 208 -21.61 -10.50 2.10
N THR C 209 -21.20 -9.41 1.46
CA THR C 209 -20.75 -8.22 2.16
C THR C 209 -21.85 -7.16 2.13
N GLY C 210 -21.49 -5.93 2.46
CA GLY C 210 -22.45 -4.85 2.50
C GLY C 210 -23.27 -4.79 3.77
N ASP C 211 -22.66 -5.09 4.91
CA ASP C 211 -23.37 -5.07 6.17
C ASP C 211 -23.63 -3.62 6.61
N LEU C 212 -24.66 -3.46 7.44
CA LEU C 212 -25.01 -2.13 7.94
C LEU C 212 -23.87 -1.52 8.75
N ARG C 213 -23.05 -2.36 9.40
CA ARG C 213 -21.95 -1.86 10.22
C ARG C 213 -20.73 -1.45 9.40
N ASP C 214 -20.65 -1.89 8.14
CA ASP C 214 -19.51 -1.56 7.29
C ASP C 214 -19.65 -0.11 6.83
N ILE C 215 -18.99 0.80 7.55
CA ILE C 215 -19.10 2.23 7.28
C ILE C 215 -17.80 2.85 6.79
N GLY C 216 -16.68 2.14 6.86
CA GLY C 216 -15.40 2.65 6.44
C GLY C 216 -14.39 2.66 7.57
N ALA C 217 -13.14 2.94 7.19
CA ALA C 217 -12.04 2.97 8.12
C ALA C 217 -11.17 4.19 7.83
N GLY C 218 -10.45 4.64 8.86
CA GLY C 218 -9.58 5.79 8.69
C GLY C 218 -10.36 7.05 8.40
N LYS C 219 -9.81 7.90 7.52
CA LYS C 219 -10.52 9.10 7.12
C LYS C 219 -11.77 8.79 6.31
N GLY C 220 -11.86 7.58 5.74
CA GLY C 220 -13.03 7.12 5.03
C GLY C 220 -14.12 6.57 5.92
N LYS C 221 -13.96 6.66 7.24
CA LYS C 221 -15.01 6.20 8.16
C LYS C 221 -16.23 7.10 8.05
N TYR C 222 -17.41 6.48 8.05
CA TYR C 222 -18.70 7.12 7.82
C TYR C 222 -18.88 7.62 6.40
N TYR C 223 -17.98 7.23 5.48
CA TYR C 223 -18.10 7.58 4.07
C TYR C 223 -18.45 6.38 3.20
N ALA C 224 -18.99 5.32 3.82
CA ALA C 224 -19.46 4.14 3.10
C ALA C 224 -20.82 3.75 3.67
N VAL C 225 -21.87 3.91 2.86
CA VAL C 225 -23.24 3.69 3.28
C VAL C 225 -23.74 2.41 2.64
N ASN C 226 -24.36 1.54 3.44
CA ASN C 226 -24.94 0.29 2.97
C ASN C 226 -26.33 0.14 3.55
N PHE C 227 -27.30 -0.16 2.69
CA PHE C 227 -28.69 -0.39 3.10
C PHE C 227 -29.04 -1.85 2.88
N PRO C 228 -28.89 -2.69 3.91
CA PRO C 228 -29.29 -4.11 3.75
C PRO C 228 -30.80 -4.24 3.57
N MET C 229 -31.20 -5.01 2.55
CA MET C 229 -32.60 -5.21 2.24
C MET C 229 -32.91 -6.70 2.20
N ARG C 230 -34.20 -7.01 2.13
CA ARG C 230 -34.67 -8.39 2.07
C ARG C 230 -35.42 -8.64 0.77
N ASP C 231 -36.24 -9.69 0.73
CA ASP C 231 -36.88 -10.12 -0.50
C ASP C 231 -38.12 -9.29 -0.81
N GLY C 232 -38.27 -8.91 -2.07
CA GLY C 232 -39.54 -8.41 -2.57
C GLY C 232 -39.84 -6.96 -2.28
N ILE C 233 -38.82 -6.09 -2.20
CA ILE C 233 -39.08 -4.68 -1.98
C ILE C 233 -39.71 -4.08 -3.23
N ASP C 234 -40.76 -3.28 -3.04
CA ASP C 234 -41.53 -2.72 -4.14
C ASP C 234 -41.10 -1.27 -4.40
N ASP C 235 -41.88 -0.57 -5.22
CA ASP C 235 -41.50 0.77 -5.67
C ASP C 235 -41.58 1.78 -4.53
N GLU C 236 -42.75 1.89 -3.89
CA GLU C 236 -42.94 2.92 -2.87
C GLU C 236 -42.05 2.68 -1.65
N SER C 237 -41.79 1.44 -1.29
CA SER C 237 -40.89 1.17 -0.18
C SER C 237 -39.46 1.53 -0.54
N TYR C 238 -39.02 1.17 -1.76
CA TYR C 238 -37.68 1.54 -2.20
C TYR C 238 -37.56 3.05 -2.42
N GLY C 239 -38.64 3.70 -2.85
CA GLY C 239 -38.56 5.12 -3.15
C GLY C 239 -38.52 5.98 -1.90
N GLN C 240 -39.26 5.59 -0.87
CA GLN C 240 -39.33 6.39 0.35
C GLN C 240 -38.07 6.27 1.21
N ILE C 241 -37.16 5.38 0.86
CA ILE C 241 -35.87 5.29 1.55
C ILE C 241 -34.72 5.77 0.68
N PHE C 242 -34.86 5.77 -0.65
CA PHE C 242 -33.77 6.22 -1.51
C PHE C 242 -33.63 7.73 -1.48
N LYS C 243 -34.72 8.45 -1.75
CA LYS C 243 -34.64 9.91 -1.83
C LYS C 243 -34.27 10.57 -0.51
N PRO C 244 -34.82 10.19 0.65
CA PRO C 244 -34.35 10.81 1.90
C PRO C 244 -32.88 10.53 2.20
N ILE C 245 -32.39 9.34 1.89
CA ILE C 245 -31.00 9.00 2.17
C ILE C 245 -30.07 9.73 1.21
N ILE C 246 -30.41 9.72 -0.09
CA ILE C 246 -29.55 10.36 -1.08
C ILE C 246 -29.50 11.87 -0.86
N SER C 247 -30.66 12.49 -0.58
CA SER C 247 -30.67 13.91 -0.29
C SER C 247 -29.93 14.23 1.00
N LYS C 248 -29.99 13.33 1.98
CA LYS C 248 -29.20 13.52 3.20
C LYS C 248 -27.71 13.35 2.91
N VAL C 249 -27.36 12.40 2.04
CA VAL C 249 -25.97 12.23 1.64
C VAL C 249 -25.50 13.45 0.83
N MET C 250 -26.36 13.96 -0.05
CA MET C 250 -25.98 15.10 -0.87
C MET C 250 -25.74 16.34 -0.03
N GLU C 251 -26.50 16.50 1.06
CA GLU C 251 -26.34 17.66 1.93
C GLU C 251 -25.08 17.57 2.78
N MET C 252 -24.85 16.41 3.41
CA MET C 252 -23.72 16.30 4.33
C MET C 252 -22.40 16.19 3.57
N TYR C 253 -22.39 15.47 2.46
CA TYR C 253 -21.15 15.20 1.73
C TYR C 253 -20.82 16.30 0.72
N GLN C 254 -21.84 16.88 0.08
CA GLN C 254 -21.69 17.93 -0.92
C GLN C 254 -20.71 17.52 -2.01
N PRO C 255 -21.04 16.53 -2.83
CA PRO C 255 -20.10 16.08 -3.86
C PRO C 255 -20.13 16.96 -5.09
N SER C 256 -19.00 16.98 -5.80
CA SER C 256 -18.88 17.70 -7.05
C SER C 256 -19.09 16.82 -8.27
N ALA C 257 -19.28 15.51 -8.08
CA ALA C 257 -19.53 14.58 -9.16
C ALA C 257 -20.22 13.35 -8.60
N VAL C 258 -21.15 12.79 -9.38
CA VAL C 258 -21.93 11.63 -8.95
C VAL C 258 -21.79 10.53 -9.99
N VAL C 259 -21.58 9.31 -9.52
CA VAL C 259 -21.50 8.12 -10.36
C VAL C 259 -22.60 7.17 -9.94
N LEU C 260 -23.56 6.93 -10.84
CA LEU C 260 -24.72 6.11 -10.55
C LEU C 260 -24.62 4.81 -11.34
N GLN C 261 -24.50 3.70 -10.63
CA GLN C 261 -24.51 2.37 -11.23
C GLN C 261 -25.95 1.88 -11.27
N CYS C 262 -26.50 1.76 -12.47
CA CYS C 262 -27.92 1.45 -12.65
C CYS C 262 -28.12 -0.05 -12.87
N GLY C 263 -27.79 -0.84 -11.85
CA GLY C 263 -27.97 -2.27 -11.91
C GLY C 263 -29.41 -2.67 -12.09
N ALA C 264 -29.74 -3.21 -13.26
CA ALA C 264 -31.12 -3.53 -13.60
C ALA C 264 -31.58 -4.88 -13.04
N ASP C 265 -30.73 -5.60 -12.32
CA ASP C 265 -31.14 -6.87 -11.73
C ASP C 265 -32.00 -6.71 -10.49
N SER C 266 -32.23 -5.48 -10.04
CA SER C 266 -33.16 -5.21 -8.96
C SER C 266 -34.60 -5.08 -9.43
N LEU C 267 -34.85 -5.35 -10.71
CA LEU C 267 -36.20 -5.31 -11.25
C LEU C 267 -36.95 -6.59 -10.90
N SER C 268 -38.28 -6.50 -10.93
CA SER C 268 -39.11 -7.67 -10.69
C SER C 268 -38.99 -8.67 -11.84
N GLY C 269 -38.90 -9.95 -11.49
CA GLY C 269 -38.77 -10.98 -12.50
C GLY C 269 -37.37 -11.22 -12.99
N ASP C 270 -36.36 -10.76 -12.27
CA ASP C 270 -34.98 -10.97 -12.70
C ASP C 270 -34.57 -12.44 -12.46
N ARG C 271 -33.70 -12.94 -13.34
CA ARG C 271 -33.26 -14.32 -13.24
C ARG C 271 -32.52 -14.56 -11.93
N LEU C 272 -31.61 -13.67 -11.57
CA LEU C 272 -30.88 -13.77 -10.32
C LEU C 272 -31.43 -12.87 -9.22
N GLY C 273 -32.15 -11.81 -9.58
CA GLY C 273 -32.67 -10.90 -8.58
C GLY C 273 -33.91 -11.44 -7.88
N CYS C 274 -34.21 -10.81 -6.73
CA CYS C 274 -35.36 -11.19 -5.93
C CYS C 274 -36.10 -9.97 -5.40
N PHE C 275 -35.98 -8.84 -6.10
CA PHE C 275 -36.72 -7.63 -5.76
C PHE C 275 -37.99 -7.54 -6.60
N ASN C 276 -38.80 -6.52 -6.30
CA ASN C 276 -40.08 -6.32 -6.96
C ASN C 276 -40.19 -4.86 -7.42
N LEU C 277 -39.24 -4.43 -8.24
CA LEU C 277 -39.20 -3.09 -8.77
C LEU C 277 -39.62 -3.07 -10.24
N THR C 278 -40.19 -1.96 -10.66
CA THR C 278 -40.57 -1.73 -12.05
C THR C 278 -39.60 -0.76 -12.70
N VAL C 279 -39.78 -0.58 -14.02
CA VAL C 279 -38.92 0.35 -14.75
C VAL C 279 -39.11 1.77 -14.23
N LYS C 280 -40.35 2.15 -13.94
CA LYS C 280 -40.61 3.50 -13.43
C LYS C 280 -40.07 3.66 -12.02
N GLY C 281 -40.16 2.62 -11.19
CA GLY C 281 -39.59 2.69 -9.86
C GLY C 281 -38.08 2.63 -9.87
N HIS C 282 -37.49 1.90 -10.83
CA HIS C 282 -36.05 1.85 -10.94
C HIS C 282 -35.50 3.17 -11.48
N ALA C 283 -36.15 3.73 -12.51
CA ALA C 283 -35.73 5.01 -13.07
C ALA C 283 -35.98 6.17 -12.13
N LYS C 284 -36.79 5.97 -11.09
CA LYS C 284 -36.99 7.02 -10.09
C LYS C 284 -35.67 7.44 -9.45
N CYS C 285 -34.74 6.48 -9.29
CA CYS C 285 -33.44 6.81 -8.72
C CYS C 285 -32.67 7.76 -9.63
N VAL C 286 -32.77 7.56 -10.95
CA VAL C 286 -32.07 8.43 -11.89
C VAL C 286 -32.64 9.84 -11.83
N GLU C 287 -33.96 9.96 -11.70
CA GLU C 287 -34.58 11.28 -11.65
C GLU C 287 -34.20 12.02 -10.37
N VAL C 288 -34.02 11.30 -9.27
CA VAL C 288 -33.66 11.96 -8.01
C VAL C 288 -32.25 12.53 -8.09
N VAL C 289 -31.32 11.78 -8.71
CA VAL C 289 -29.95 12.26 -8.82
C VAL C 289 -29.86 13.49 -9.72
N LYS C 290 -30.71 13.57 -10.75
CA LYS C 290 -30.68 14.71 -11.66
C LYS C 290 -31.19 16.00 -11.00
N THR C 291 -31.92 15.89 -9.89
CA THR C 291 -32.46 17.08 -9.24
C THR C 291 -31.39 17.95 -8.61
N PHE C 292 -30.18 17.41 -8.41
CA PHE C 292 -29.11 18.15 -7.76
C PHE C 292 -28.20 18.87 -8.75
N ASN C 293 -28.40 18.66 -10.05
CA ASN C 293 -27.65 19.37 -11.10
C ASN C 293 -26.14 19.19 -10.94
N LEU C 294 -25.72 17.93 -10.79
CA LEU C 294 -24.32 17.59 -10.68
C LEU C 294 -23.90 16.71 -11.84
N PRO C 295 -22.65 16.79 -12.29
CA PRO C 295 -22.19 15.94 -13.40
C PRO C 295 -22.32 14.47 -13.03
N LEU C 296 -23.14 13.76 -13.81
CA LEU C 296 -23.51 12.39 -13.51
C LEU C 296 -22.91 11.43 -14.54
N LEU C 297 -22.41 10.30 -14.06
CA LEU C 297 -21.88 9.24 -14.92
C LEU C 297 -22.72 7.99 -14.67
N MET C 298 -23.60 7.67 -15.63
CA MET C 298 -24.51 6.54 -15.51
C MET C 298 -23.87 5.31 -16.17
N LEU C 299 -23.77 4.23 -15.41
CA LEU C 299 -23.21 2.97 -15.91
C LEU C 299 -24.23 1.86 -15.79
N GLY C 300 -23.95 0.76 -16.47
CA GLY C 300 -24.81 -0.42 -16.41
C GLY C 300 -24.48 -1.31 -15.23
N GLY C 301 -24.35 -2.61 -15.49
CA GLY C 301 -24.02 -3.55 -14.43
C GLY C 301 -24.88 -4.80 -14.45
N GLY C 302 -25.77 -4.91 -13.47
CA GLY C 302 -26.63 -6.07 -13.37
C GLY C 302 -27.75 -6.05 -14.40
N GLY C 303 -28.61 -7.06 -14.30
CA GLY C 303 -29.71 -7.21 -15.22
C GLY C 303 -29.61 -8.49 -16.02
N TYR C 304 -30.42 -9.49 -15.68
CA TYR C 304 -30.32 -10.80 -16.29
C TYR C 304 -31.64 -11.32 -16.86
N THR C 305 -32.71 -10.54 -16.77
CA THR C 305 -33.90 -10.73 -17.60
C THR C 305 -33.75 -9.74 -18.74
N ILE C 306 -33.23 -10.21 -19.88
CA ILE C 306 -32.74 -9.32 -20.93
C ILE C 306 -33.85 -8.44 -21.48
N ARG C 307 -35.08 -8.94 -21.50
CA ARG C 307 -36.18 -8.14 -22.03
C ARG C 307 -36.45 -6.91 -21.18
N ASN C 308 -36.12 -6.97 -19.89
CA ASN C 308 -36.33 -5.83 -18.99
C ASN C 308 -35.11 -4.94 -18.86
N VAL C 309 -33.91 -5.46 -19.14
CA VAL C 309 -32.72 -4.61 -19.13
C VAL C 309 -32.79 -3.60 -20.27
N ALA C 310 -33.29 -4.01 -21.43
CA ALA C 310 -33.50 -3.07 -22.52
C ALA C 310 -34.59 -2.07 -22.18
N ARG C 311 -35.64 -2.51 -21.48
CA ARG C 311 -36.70 -1.61 -21.06
C ARG C 311 -36.19 -0.58 -20.05
N CYS C 312 -35.40 -1.03 -19.07
CA CYS C 312 -35.00 -0.15 -17.97
C CYS C 312 -34.01 0.89 -18.44
N TRP C 313 -32.96 0.47 -19.15
CA TRP C 313 -31.90 1.40 -19.54
C TRP C 313 -32.33 2.33 -20.67
N THR C 314 -33.33 1.94 -21.47
CA THR C 314 -33.83 2.84 -22.49
C THR C 314 -34.64 3.98 -21.87
N TYR C 315 -35.52 3.65 -20.92
CA TYR C 315 -36.30 4.68 -20.24
C TYR C 315 -35.43 5.56 -19.36
N GLU C 316 -34.40 4.98 -18.73
CA GLU C 316 -33.47 5.79 -17.95
C GLU C 316 -32.62 6.68 -18.84
N THR C 317 -32.34 6.25 -20.07
CA THR C 317 -31.70 7.14 -21.03
C THR C 317 -32.63 8.27 -21.41
N ALA C 318 -33.94 7.99 -21.50
CA ALA C 318 -34.91 9.05 -21.76
C ALA C 318 -35.08 9.94 -20.54
N VAL C 319 -34.92 9.39 -19.33
CA VAL C 319 -34.98 10.20 -18.12
C VAL C 319 -33.80 11.17 -18.08
N ALA C 320 -32.61 10.70 -18.47
CA ALA C 320 -31.44 11.56 -18.51
C ALA C 320 -31.57 12.66 -19.55
N LEU C 321 -32.46 12.50 -20.53
CA LEU C 321 -32.72 13.50 -21.55
C LEU C 321 -33.95 14.34 -21.26
N ASP C 322 -34.69 14.03 -20.19
CA ASP C 322 -35.96 14.69 -19.88
C ASP C 322 -36.92 14.64 -21.06
N CYS C 323 -36.96 13.49 -21.72
CA CYS C 323 -37.80 13.26 -22.89
C CYS C 323 -38.71 12.07 -22.60
N GLU C 324 -39.96 12.35 -22.23
CA GLU C 324 -40.92 11.30 -21.93
C GLU C 324 -41.23 10.52 -23.20
N ILE C 325 -40.75 9.28 -23.27
CA ILE C 325 -40.96 8.44 -24.44
C ILE C 325 -42.28 7.69 -24.28
N PRO C 326 -42.99 7.37 -25.36
CA PRO C 326 -44.29 6.70 -25.24
C PRO C 326 -44.15 5.31 -24.64
N ASN C 327 -45.25 4.82 -24.08
CA ASN C 327 -45.26 3.49 -23.48
C ASN C 327 -45.26 2.40 -24.55
N GLU C 328 -45.79 2.69 -25.74
CA GLU C 328 -45.79 1.72 -26.82
C GLU C 328 -44.41 1.64 -27.45
N LEU C 329 -43.87 0.43 -27.53
CA LEU C 329 -42.52 0.24 -28.06
C LEU C 329 -42.54 0.39 -29.58
N PRO C 330 -41.65 1.21 -30.15
CA PRO C 330 -41.50 1.23 -31.61
C PRO C 330 -40.88 -0.07 -32.11
N TYR C 331 -40.92 -0.25 -33.42
CA TYR C 331 -40.33 -1.44 -34.01
C TYR C 331 -38.82 -1.43 -33.84
N ASN C 332 -38.26 -2.59 -33.52
CA ASN C 332 -36.83 -2.73 -33.33
C ASN C 332 -36.40 -4.12 -33.82
N ASP C 333 -35.09 -4.33 -33.86
CA ASP C 333 -34.52 -5.59 -34.36
C ASP C 333 -34.82 -6.76 -33.45
N TYR C 334 -35.35 -6.52 -32.25
CA TYR C 334 -35.66 -7.57 -31.29
C TYR C 334 -37.08 -7.38 -30.74
N PHE C 335 -38.03 -7.17 -31.65
CA PHE C 335 -39.39 -6.82 -31.24
C PHE C 335 -40.11 -8.00 -30.61
N GLU C 336 -39.76 -9.23 -30.98
CA GLU C 336 -40.40 -10.40 -30.40
C GLU C 336 -39.94 -10.69 -28.98
N TYR C 337 -38.85 -10.08 -28.53
CA TYR C 337 -38.38 -10.27 -27.16
C TYR C 337 -39.30 -9.62 -26.14
N PHE C 338 -40.15 -8.69 -26.56
CA PHE C 338 -40.99 -7.91 -25.65
C PHE C 338 -42.44 -8.39 -25.62
N GLY C 339 -42.73 -9.57 -26.18
CA GLY C 339 -44.08 -10.09 -26.17
C GLY C 339 -44.52 -10.54 -24.80
N PRO C 340 -45.84 -10.71 -24.61
CA PRO C 340 -46.87 -10.46 -25.63
C PRO C 340 -47.44 -9.05 -25.57
N ASP C 341 -46.99 -8.24 -24.61
CA ASP C 341 -47.48 -6.88 -24.42
C ASP C 341 -46.79 -5.86 -25.32
N PHE C 342 -45.49 -6.03 -25.59
CA PHE C 342 -44.72 -5.10 -26.42
C PHE C 342 -44.79 -3.68 -25.87
N LYS C 343 -44.76 -3.56 -24.55
CA LYS C 343 -44.84 -2.28 -23.87
C LYS C 343 -43.50 -1.93 -23.24
N LEU C 344 -43.34 -0.64 -22.93
CA LEU C 344 -42.07 -0.14 -22.41
C LEU C 344 -41.89 -0.46 -20.94
N HIS C 345 -42.95 -0.38 -20.15
CA HIS C 345 -42.87 -0.60 -18.72
C HIS C 345 -43.38 -1.99 -18.36
N ILE C 346 -43.07 -2.41 -17.13
CA ILE C 346 -43.44 -3.73 -16.62
C ILE C 346 -44.36 -3.55 -15.43
N SER C 347 -44.87 -4.67 -14.94
CA SER C 347 -45.79 -4.70 -13.80
C SER C 347 -45.18 -5.50 -12.66
N PRO C 348 -45.46 -5.12 -11.40
CA PRO C 348 -44.91 -5.87 -10.27
C PRO C 348 -45.45 -7.29 -10.23
N SER C 349 -44.70 -8.14 -9.55
CA SER C 349 -45.06 -9.55 -9.41
C SER C 349 -45.99 -9.73 -8.21
N ASN C 350 -46.22 -10.99 -7.83
CA ASN C 350 -47.10 -11.32 -6.72
C ASN C 350 -46.32 -11.77 -5.47
N MET C 351 -45.06 -11.35 -5.35
CA MET C 351 -44.22 -11.76 -4.24
C MET C 351 -44.44 -10.86 -3.03
N THR C 352 -44.06 -11.37 -1.86
CA THR C 352 -44.22 -10.65 -0.61
C THR C 352 -43.00 -9.76 -0.34
N ASN C 353 -43.25 -8.62 0.28
CA ASN C 353 -42.19 -7.68 0.65
C ASN C 353 -41.70 -8.04 2.05
N GLN C 354 -40.57 -8.73 2.12
CA GLN C 354 -40.01 -9.12 3.41
C GLN C 354 -39.43 -7.95 4.19
N ASN C 355 -39.38 -6.76 3.59
CA ASN C 355 -38.89 -5.57 4.29
C ASN C 355 -40.07 -4.96 5.04
N THR C 356 -40.21 -5.33 6.32
CA THR C 356 -41.26 -4.77 7.14
C THR C 356 -41.01 -3.29 7.38
N PRO C 357 -42.07 -2.50 7.55
CA PRO C 357 -41.87 -1.07 7.83
C PRO C 357 -41.01 -0.80 9.06
N GLU C 358 -41.07 -1.68 10.06
CA GLU C 358 -40.17 -1.54 11.21
C GLU C 358 -38.72 -1.75 10.80
N TYR C 359 -38.48 -2.69 9.88
CA TYR C 359 -37.12 -2.99 9.46
C TYR C 359 -36.54 -1.87 8.61
N MET C 360 -37.35 -1.26 7.74
CA MET C 360 -36.84 -0.21 6.86
C MET C 360 -36.54 1.07 7.62
N GLU C 361 -37.40 1.44 8.57
CA GLU C 361 -37.17 2.67 9.32
C GLU C 361 -36.02 2.51 10.31
N LYS C 362 -35.82 1.31 10.86
CA LYS C 362 -34.70 1.09 11.78
C LYS C 362 -33.37 1.34 11.09
N ILE C 363 -33.20 0.80 9.89
CA ILE C 363 -31.95 1.00 9.16
C ILE C 363 -31.82 2.45 8.70
N LYS C 364 -32.93 3.05 8.27
CA LYS C 364 -32.88 4.44 7.81
C LYS C 364 -32.52 5.39 8.94
N GLN C 365 -32.93 5.08 10.17
CA GLN C 365 -32.49 5.89 11.31
C GLN C 365 -31.01 5.70 11.58
N ARG C 366 -30.51 4.47 11.40
CA ARG C 366 -29.08 4.22 11.62
C ARG C 366 -28.23 4.97 10.61
N LEU C 367 -28.65 5.01 9.34
CA LEU C 367 -27.87 5.71 8.33
C LEU C 367 -27.91 7.22 8.54
N PHE C 368 -29.05 7.74 8.98
CA PHE C 368 -29.13 9.17 9.28
C PHE C 368 -28.17 9.58 10.39
N GLU C 369 -27.92 8.68 11.35
CA GLU C 369 -26.97 8.98 12.41
C GLU C 369 -25.54 8.92 11.89
N ASN C 370 -25.24 7.98 11.00
CA ASN C 370 -23.90 7.89 10.44
C ASN C 370 -23.59 9.06 9.53
N LEU C 371 -24.61 9.66 8.91
CA LEU C 371 -24.37 10.84 8.08
C LEU C 371 -24.15 12.09 8.92
N ARG C 372 -24.65 12.12 10.16
CA ARG C 372 -24.39 13.25 11.04
C ARG C 372 -22.97 13.24 11.58
N MET C 373 -22.27 12.12 11.50
CA MET C 373 -20.90 12.00 11.99
C MET C 373 -19.87 12.65 11.07
N LEU C 374 -20.31 13.48 10.12
CA LEU C 374 -19.41 14.21 9.23
C LEU C 374 -19.25 15.63 9.75
N PRO C 375 -18.15 15.95 10.45
CA PRO C 375 -17.96 17.29 11.03
C PRO C 375 -17.70 18.36 9.97
N U2M D 1 16.76 -8.08 21.13
CA U2M D 1 15.76 -7.69 21.79
C U2M D 1 15.99 -6.78 22.73
O U2M D 1 15.21 -5.90 22.90
CB U2M D 1 15.17 -8.93 22.46
CG U2M D 1 13.66 -8.78 22.61
CD U2M D 1 12.99 -10.13 22.38
CE U2M D 1 11.50 -10.02 22.69
CZ U2M D 1 10.95 -11.41 22.97
SH U2M D 1 9.36 -11.38 23.09
N TRP D 2 17.11 -6.92 23.43
CA TRP D 2 17.52 -5.93 24.42
C TRP D 2 18.68 -5.11 23.89
N DTH D 3 18.43 -3.84 23.62
CA DTH D 3 19.46 -2.94 23.15
CB DTH D 3 19.35 -1.60 23.86
CG2 DTH D 3 20.70 -1.26 24.53
OG1 DTH D 3 18.36 -1.68 24.85
C DTH D 3 19.34 -2.72 21.64
O DTH D 3 18.35 -3.18 21.01
N ASP D 4 20.33 -2.04 21.07
CA ASP D 4 20.35 -1.77 19.63
C ASP D 4 21.60 -2.35 18.99
N ASN D 5 22.44 -1.47 18.45
CA ASN D 5 23.75 -1.79 17.88
C ASN D 5 23.82 -3.08 17.04
N DSN D 6 22.93 -3.16 16.05
CA DSN D 6 23.01 -4.23 15.05
C DSN D 6 22.36 -5.53 15.51
O DSN D 6 22.51 -5.95 16.69
CB DSN D 6 22.32 -3.75 13.78
OG DSN D 6 23.30 -3.47 12.80
N MED D 7 21.64 -6.16 14.59
CA MED D 7 21.08 -7.27 14.82
C MED D 7 19.99 -7.17 15.54
O MED D 7 19.50 -8.14 16.03
CB MED D 7 20.55 -7.68 13.44
N DAS D 8 19.47 -5.95 15.68
CA DAS D 8 18.33 -5.71 16.54
C DAS D 8 18.71 -6.09 17.96
O DAS D 8 19.15 -5.20 18.75
CB DAS D 8 17.97 -4.21 16.51
N LYS D 9 18.58 -7.37 18.28
CA LYS D 9 18.66 -7.89 19.65
C LYS D 9 17.57 -7.24 20.50
N U2M E 1 16.16 28.81 -3.25
CA U2M E 1 15.48 27.85 -3.66
C U2M E 1 14.45 27.54 -2.90
O U2M E 1 13.41 27.19 -3.37
CB U2M E 1 16.42 26.64 -3.75
CG U2M E 1 15.85 25.52 -4.62
CD U2M E 1 17.01 24.59 -4.99
CE U2M E 1 16.52 23.40 -5.82
CZ U2M E 1 17.74 22.56 -6.22
SH U2M E 1 17.35 21.36 -7.20
N TRP E 2 14.64 27.67 -1.59
CA TRP E 2 13.60 27.39 -0.62
C TRP E 2 13.06 28.70 -0.04
N DTH E 3 11.89 29.11 -0.51
CA DTH E 3 11.30 30.37 -0.12
CB DTH E 3 10.29 30.16 1.00
CG2 DTH E 3 10.99 30.17 2.36
OG1 DTH E 3 9.64 28.94 0.83
C DTH E 3 10.56 30.95 -1.33
O DTH E 3 10.98 30.73 -2.50
N ASP E 4 9.48 31.67 -1.08
CA ASP E 4 8.61 32.17 -2.14
C ASP E 4 9.31 33.18 -3.05
N ASN E 5 10.03 34.13 -2.46
CA ASN E 5 10.64 35.20 -3.23
C ASN E 5 12.09 34.89 -3.60
N DSN E 6 12.40 35.06 -4.88
CA DSN E 6 13.72 34.80 -5.44
C DSN E 6 14.80 35.75 -4.90
O DSN E 6 14.67 36.36 -3.81
CB DSN E 6 14.14 33.34 -5.23
OG DSN E 6 15.24 33.04 -6.06
N MED E 7 15.87 35.90 -5.69
CA MED E 7 16.85 36.60 -5.33
C MED E 7 17.91 35.84 -5.13
O MED E 7 19.00 36.29 -5.24
CB MED E 7 17.18 37.37 -6.61
CG MED E 7 16.66 38.80 -6.48
SD MED E 7 17.50 39.62 -5.09
CE MED E 7 16.44 40.95 -4.44
N DAS E 8 17.67 34.59 -4.77
CA DAS E 8 18.75 33.64 -4.55
C DAS E 8 18.35 32.61 -3.50
O DAS E 8 19.18 32.26 -2.62
CB DAS E 8 19.05 32.93 -5.88
CG DAS E 8 20.43 33.35 -6.37
OD1 DAS E 8 20.93 32.80 -7.39
OD2 DAS E 8 21.07 34.26 -5.78
N LYS E 9 17.11 32.13 -3.55
CA LYS E 9 16.65 31.10 -2.62
C LYS E 9 15.73 30.08 -3.28
N U2M F 1 -22.97 -16.22 -7.82
CA U2M F 1 -24.08 -15.79 -8.24
C U2M F 1 -24.86 -16.67 -8.85
O U2M F 1 -25.84 -17.08 -8.32
CB U2M F 1 -23.79 -14.65 -9.22
CG U2M F 1 -24.00 -13.31 -8.53
CD U2M F 1 -23.10 -12.26 -9.19
CE U2M F 1 -23.89 -10.98 -9.40
CZ U2M F 1 -23.22 -10.16 -10.49
SH U2M F 1 -23.89 -8.72 -10.64
N TRP F 2 -24.47 -17.05 -10.07
CA TRP F 2 -25.23 -17.96 -10.94
C TRP F 2 -25.72 -19.22 -10.24
N LYS F 9 -21.13 -16.78 -4.81
CA LYS F 9 -21.42 -17.15 -6.20
C LYS F 9 -22.83 -16.69 -6.59
ZN ZN G . 8.28 -9.75 21.91
NA NA H . 3.65 -11.51 16.63
NA NA I . 3.00 -24.32 8.34
C3' NHE J . -0.63 -37.09 31.37
C2' NHE J . -1.46 -36.23 32.31
C1' NHE J . -1.51 -36.78 33.74
C6' NHE J . -0.78 -38.12 33.91
N NHE J . -0.93 -35.80 34.66
C1 NHE J . -1.79 -34.63 34.73
C2 NHE J . -3.02 -34.92 35.59
S NHE J . -3.85 -33.38 36.02
O1 NHE J . -2.85 -32.26 36.28
O2 NHE J . -4.84 -32.98 34.95
O3 NHE J . -4.53 -33.47 37.37
C5' NHE J . 0.63 -38.12 33.32
C4' NHE J . 0.74 -37.41 31.98
C1 PGE K . 4.50 -35.17 13.37
O1 PGE K . 5.08 -35.66 14.54
C2 PGE K . 4.55 -33.64 13.36
O2 PGE K . 4.34 -33.16 12.07
C3 PGE K . 4.39 -31.77 11.97
C4 PGE K . 5.75 -31.34 11.46
O4 PGE K . 8.77 -31.37 14.32
C6 PGE K . 8.71 -30.34 13.38
C5 PGE K . 7.93 -30.82 12.15
O3 PGE K . 6.64 -31.23 12.53
O1 PG4 L . 12.20 -18.46 47.29
C1 PG4 L . 12.31 -19.85 47.47
C2 PG4 L . 11.43 -20.58 46.46
O2 PG4 L . 11.96 -20.42 45.17
C3 PG4 L . 13.07 -21.25 44.91
C4 PG4 L . 13.21 -21.45 43.41
O3 PG4 L . 13.05 -20.22 42.75
C5 PG4 L . 14.09 -19.90 41.87
C6 PG4 L . 15.21 -19.22 42.65
O4 PG4 L . 16.23 -18.83 41.76
C7 PG4 L . 17.52 -18.81 42.32
C8 PG4 L . 17.93 -20.23 42.71
O5 PG4 L . 17.72 -21.09 41.62
O1 PG4 M . 4.10 9.40 38.20
C1 PG4 M . 4.20 8.77 36.94
C2 PG4 M . 5.04 7.50 37.07
O2 PG4 M . 4.86 6.71 35.94
C3 PG4 M . 4.11 5.54 36.17
C4 PG4 M . 5.01 4.48 36.76
O3 PG4 M . 4.63 4.22 38.09
C5 PG4 M . 4.82 2.90 38.49
C6 PG4 M . 4.77 2.81 40.01
O4 PG4 M . 5.96 3.31 40.56
C7 PG4 M . 7.03 2.42 40.51
C8 PG4 M . 6.77 1.25 41.46
O5 PG4 M . 7.70 0.23 41.22
ZN ZN N . 15.77 21.62 -8.91
NA NA O . 17.15 21.72 -15.95
NA NA P . 29.93 25.16 -23.31
O1 PG4 Q . 26.42 12.13 13.03
C1 PG4 Q . 25.12 12.49 12.66
C2 PG4 Q . 24.69 11.65 11.46
O2 PG4 Q . 25.48 11.97 10.35
C3 PG4 Q . 25.45 11.01 9.33
C4 PG4 Q . 26.17 9.75 9.80
O3 PG4 Q . 26.18 8.81 8.76
C5 PG4 Q . 27.45 8.26 8.51
C6 PG4 Q . 27.98 7.59 9.77
O4 PG4 Q . 29.37 7.53 9.73
C7 PG4 Q . 29.98 7.36 10.98
C8 PG4 Q . 29.73 8.59 11.85
O5 PG4 Q . 30.26 8.38 13.13
C1 PGE R . 0.89 10.57 1.06
O1 PGE R . 0.01 10.52 -0.02
C2 PGE R . 0.95 9.22 1.75
O2 PGE R . 1.80 9.28 2.85
C3 PGE R . 1.37 8.51 3.94
C4 PGE R . 2.58 7.94 4.67
O4 PGE R . 6.75 9.17 6.47
C6 PGE R . 5.76 9.38 5.48
C5 PGE R . 4.54 8.54 5.82
O3 PGE R . 3.46 8.97 5.03
O1 PG4 S . 0.33 5.48 -19.07
C1 PG4 S . -0.81 5.11 -18.33
C2 PG4 S . -0.39 4.75 -16.90
O2 PG4 S . 0.37 3.58 -16.92
C3 PG4 S . 0.57 3.03 -15.65
C4 PG4 S . 1.02 1.58 -15.79
O3 PG4 S . 2.23 1.51 -16.51
C5 PG4 S . 2.64 0.22 -16.80
C6 PG4 S . 3.98 0.28 -17.54
O4 PG4 S . 3.82 0.97 -18.75
C7 PG4 S . 4.84 0.76 -19.67
C8 PG4 S . 4.39 1.26 -21.05
O5 PG4 S . 3.99 2.59 -20.95
ZN ZN T . -25.97 -7.56 -9.48
NA NA U . -26.19 -2.29 -4.62
NA NA V . -15.21 6.03 1.06
C1 PGE W . -7.51 4.17 -3.86
O1 PGE W . -6.58 4.40 -4.87
C2 PGE W . -7.59 5.39 -2.94
O2 PGE W . -7.67 6.55 -3.71
C3 PGE W . -8.29 7.62 -3.06
C4 PGE W . -7.96 8.92 -3.79
O4 PGE W . -3.84 11.11 -4.28
C6 PGE W . -4.95 10.98 -3.44
C5 PGE W . -6.07 10.25 -4.18
O3 PGE W . -6.78 9.47 -3.27
C1 PGE X . -45.82 6.48 12.00
O1 PGE X . -45.38 5.25 12.48
C2 PGE X . -47.30 6.66 12.33
O2 PGE X . -47.48 7.85 13.06
C3 PGE X . -47.78 7.64 14.41
C4 PGE X . -47.39 8.87 15.22
O4 PGE X . -45.40 7.94 18.87
C6 PGE X . -46.70 7.52 18.55
C5 PGE X . -46.86 7.47 17.03
O3 PGE X . -47.54 8.61 16.59
#